data_4MMN
#
_entry.id   4MMN
#
_cell.length_a   158.902
_cell.length_b   158.902
_cell.length_c   194.596
_cell.angle_alpha   90.00
_cell.angle_beta   90.00
_cell.angle_gamma   120.00
#
_symmetry.space_group_name_H-M   'H 3'
#
loop_
_entity.id
_entity.type
_entity.pdbx_description
1 polymer 'Putative uncharacterized protein Ta0848'
2 water water
#
_entity_poly.entity_id   1
_entity_poly.type   'polypeptide(L)'
_entity_poly.pdbx_seq_one_letter_code
;MDLKEFARSQMQAACQYLKEKNPKYDWVGFYVLEHGKLKLEAFVGEKTDHVEINLGDGLCSLAVLKNDIVNEYDVKSNPK
YLACFPSTQSEIVVPVRYQGEPIGEIDIDSDKKAAFSKEDEAMLSSIADLMAPLVHEFFVKLEHHHHHH
;
_entity_poly.pdbx_strand_id   A,B,C,D,E,F,G,H
#
# COMPACT_ATOMS: atom_id res chain seq x y z
N ASP A 2 -26.23 7.13 -14.53
CA ASP A 2 -27.44 7.05 -15.36
C ASP A 2 -28.47 8.03 -14.80
N LEU A 3 -28.80 7.90 -13.50
CA LEU A 3 -29.57 8.95 -12.83
C LEU A 3 -28.72 10.19 -12.77
N LYS A 4 -27.45 9.98 -12.40
CA LYS A 4 -26.47 11.06 -12.45
C LYS A 4 -26.36 11.62 -13.86
N GLU A 5 -26.29 10.76 -14.86
CA GLU A 5 -26.21 11.26 -16.21
C GLU A 5 -27.43 12.09 -16.57
N PHE A 6 -28.60 11.60 -16.20
CA PHE A 6 -29.83 12.35 -16.44
C PHE A 6 -29.82 13.65 -15.69
N ALA A 7 -29.41 13.57 -14.43
CA ALA A 7 -29.36 14.72 -13.56
C ALA A 7 -28.44 15.77 -14.16
N ARG A 8 -27.29 15.34 -14.65
CA ARG A 8 -26.39 16.27 -15.30
C ARG A 8 -27.09 16.90 -16.51
N SER A 9 -27.79 16.07 -17.28
CA SER A 9 -28.59 16.57 -18.39
C SER A 9 -29.46 17.74 -17.93
N GLN A 10 -30.19 17.56 -16.84
CA GLN A 10 -31.09 18.62 -16.37
C GLN A 10 -30.33 19.85 -15.94
N MET A 11 -29.22 19.64 -15.26
CA MET A 11 -28.44 20.75 -14.69
C MET A 11 -27.81 21.57 -15.79
N GLN A 12 -27.32 20.89 -16.81
CA GLN A 12 -26.71 21.57 -17.94
C GLN A 12 -27.77 22.41 -18.59
N ALA A 13 -28.95 21.82 -18.78
CA ALA A 13 -30.06 22.50 -19.43
C ALA A 13 -30.45 23.73 -18.66
N ALA A 14 -30.35 23.66 -17.35
CA ALA A 14 -30.69 24.79 -16.51
C ALA A 14 -29.69 25.93 -16.74
N CYS A 15 -28.42 25.59 -16.71
CA CYS A 15 -27.35 26.54 -16.97
C CYS A 15 -27.58 27.26 -18.28
N GLN A 16 -28.00 26.48 -19.28
CA GLN A 16 -28.25 26.99 -20.62
C GLN A 16 -29.38 28.00 -20.68
N TYR A 17 -30.57 27.57 -20.23
CA TYR A 17 -31.72 28.45 -20.18
C TYR A 17 -31.40 29.72 -19.44
N LEU A 18 -30.68 29.58 -18.33
CA LEU A 18 -30.28 30.74 -17.54
C LEU A 18 -29.42 31.69 -18.34
N LYS A 19 -28.40 31.13 -18.97
CA LYS A 19 -27.42 31.87 -19.76
C LYS A 19 -28.09 32.60 -20.92
N GLU A 20 -29.13 31.97 -21.46
CA GLU A 20 -29.87 32.51 -22.60
C GLU A 20 -30.80 33.64 -22.19
N LYS A 21 -31.59 33.41 -21.16
CA LYS A 21 -32.64 34.34 -20.84
C LYS A 21 -32.07 35.60 -20.22
N ASN A 22 -30.84 35.50 -19.72
CA ASN A 22 -30.22 36.61 -19.01
C ASN A 22 -28.84 36.91 -19.58
N PRO A 23 -28.75 37.98 -20.38
CA PRO A 23 -27.51 38.21 -21.12
C PRO A 23 -26.37 38.65 -20.22
N LYS A 24 -26.70 39.20 -19.05
CA LYS A 24 -25.66 39.66 -18.14
C LYS A 24 -24.97 38.48 -17.49
N TYR A 25 -25.61 37.31 -17.50
CA TYR A 25 -24.98 36.13 -16.96
C TYR A 25 -23.88 35.74 -17.91
N ASP A 26 -22.64 35.94 -17.49
CA ASP A 26 -21.53 35.64 -18.36
C ASP A 26 -21.07 34.23 -18.04
N TRP A 27 -21.31 33.79 -16.82
CA TRP A 27 -21.01 32.41 -16.46
C TRP A 27 -22.03 31.85 -15.47
N VAL A 28 -22.45 30.61 -15.68
CA VAL A 28 -23.49 29.98 -14.88
C VAL A 28 -23.06 28.57 -14.56
N GLY A 29 -22.95 28.23 -13.29
CA GLY A 29 -22.48 26.90 -12.92
C GLY A 29 -23.05 26.28 -11.66
N PHE A 30 -23.04 24.96 -11.59
CA PHE A 30 -23.54 24.24 -10.42
C PHE A 30 -22.43 23.56 -9.69
N TYR A 31 -22.10 24.03 -8.48
CA TYR A 31 -21.15 23.31 -7.65
C TYR A 31 -21.91 22.47 -6.64
N VAL A 32 -21.48 21.22 -6.47
CA VAL A 32 -22.12 20.32 -5.54
C VAL A 32 -21.12 19.90 -4.47
N LEU A 33 -21.58 19.85 -3.23
CA LEU A 33 -20.77 19.35 -2.14
C LEU A 33 -20.55 17.84 -2.29
N GLU A 34 -19.31 17.46 -2.53
CA GLU A 34 -18.99 16.04 -2.62
C GLU A 34 -17.77 15.81 -1.75
N HIS A 35 -17.98 15.13 -0.63
CA HIS A 35 -16.94 14.91 0.38
C HIS A 35 -16.39 16.21 0.94
N GLY A 36 -17.27 17.14 1.28
CA GLY A 36 -16.85 18.37 1.93
C GLY A 36 -16.17 19.37 1.02
N LYS A 37 -16.19 19.09 -0.28
CA LYS A 37 -15.62 19.99 -1.27
C LYS A 37 -16.63 20.40 -2.33
N LEU A 38 -16.45 21.60 -2.89
CA LEU A 38 -17.31 22.07 -3.95
C LEU A 38 -16.75 21.65 -5.30
N LYS A 39 -17.48 20.77 -5.99
CA LYS A 39 -17.07 20.26 -7.29
C LYS A 39 -18.05 20.71 -8.36
N LEU A 40 -17.49 21.13 -9.49
CA LEU A 40 -18.28 21.62 -10.59
C LEU A 40 -18.86 20.44 -11.37
N GLU A 41 -20.17 20.44 -11.61
CA GLU A 41 -20.77 19.27 -12.25
C GLU A 41 -21.59 19.63 -13.46
N ALA A 42 -21.70 20.94 -13.67
CA ALA A 42 -22.38 21.50 -14.82
C ALA A 42 -22.10 23.00 -14.90
N PHE A 43 -21.94 23.52 -16.12
CA PHE A 43 -21.73 24.96 -16.32
C PHE A 43 -21.94 25.41 -17.76
N VAL A 44 -22.10 26.71 -17.94
CA VAL A 44 -22.16 27.29 -19.27
C VAL A 44 -21.33 28.56 -19.24
N GLY A 45 -20.36 28.63 -20.14
CA GLY A 45 -19.49 29.79 -20.20
C GLY A 45 -18.07 29.35 -20.48
N GLU A 46 -17.12 30.23 -20.15
CA GLU A 46 -15.71 29.93 -20.31
C GLU A 46 -15.36 28.79 -19.35
N LYS A 47 -14.36 27.98 -19.68
CA LYS A 47 -13.93 26.95 -18.74
C LYS A 47 -13.24 27.60 -17.54
N THR A 48 -13.62 27.20 -16.32
CA THR A 48 -12.95 27.75 -15.15
C THR A 48 -11.77 26.87 -14.71
N ASP A 49 -10.72 27.53 -14.22
CA ASP A 49 -9.58 26.80 -13.64
C ASP A 49 -9.99 26.16 -12.33
N HIS A 50 -11.12 26.60 -11.77
CA HIS A 50 -11.51 26.11 -10.45
C HIS A 50 -12.72 25.20 -10.54
N VAL A 51 -12.45 23.96 -10.95
CA VAL A 51 -13.48 22.94 -11.08
C VAL A 51 -13.72 22.31 -9.71
N GLU A 52 -12.73 22.45 -8.83
CA GLU A 52 -12.88 22.00 -7.45
C GLU A 52 -12.45 23.12 -6.53
N ILE A 53 -13.23 23.36 -5.48
CA ILE A 53 -12.95 24.48 -4.60
C ILE A 53 -12.75 23.98 -3.19
N ASN A 54 -11.65 24.39 -2.57
CA ASN A 54 -11.39 24.01 -1.18
C ASN A 54 -12.29 24.82 -0.28
N LEU A 55 -13.06 24.12 0.55
CA LEU A 55 -14.06 24.81 1.35
C LEU A 55 -13.38 25.84 2.24
N GLY A 56 -13.83 27.08 2.08
CA GLY A 56 -13.19 28.23 2.67
C GLY A 56 -12.89 29.27 1.60
N ASP A 57 -12.40 28.83 0.46
CA ASP A 57 -12.06 29.79 -0.59
C ASP A 57 -13.28 30.27 -1.37
N GLY A 58 -13.31 31.57 -1.65
CA GLY A 58 -14.26 32.12 -2.58
C GLY A 58 -15.67 32.38 -2.06
N LEU A 59 -16.41 33.17 -2.82
CA LEU A 59 -17.82 33.41 -2.51
C LEU A 59 -18.57 32.12 -2.66
N CYS A 60 -18.00 31.19 -3.42
CA CYS A 60 -18.57 29.87 -3.53
C CYS A 60 -18.65 29.20 -2.16
N SER A 61 -17.61 29.36 -1.37
CA SER A 61 -17.60 28.73 -0.06
C SER A 61 -18.47 29.49 0.91
N LEU A 62 -18.46 30.81 0.77
CA LEU A 62 -19.20 31.67 1.69
C LEU A 62 -20.67 31.28 1.69
N ALA A 63 -21.23 31.10 0.51
CA ALA A 63 -22.65 30.82 0.37
C ALA A 63 -23.07 29.51 1.06
N VAL A 64 -22.29 28.44 0.91
CA VAL A 64 -22.70 27.17 1.53
C VAL A 64 -22.38 27.14 3.01
N LEU A 65 -21.35 27.86 3.43
CA LEU A 65 -20.98 27.82 4.84
C LEU A 65 -21.97 28.60 5.72
N LYS A 66 -22.43 29.76 5.27
CA LYS A 66 -23.37 30.54 6.07
C LYS A 66 -24.80 30.28 5.63
N ASN A 67 -24.93 29.36 4.67
CA ASN A 67 -26.21 28.97 4.12
C ASN A 67 -27.15 30.11 3.74
N ASP A 68 -26.65 31.07 2.98
CA ASP A 68 -27.47 32.18 2.52
C ASP A 68 -26.96 32.69 1.16
N ILE A 69 -27.84 33.37 0.43
CA ILE A 69 -27.46 33.96 -0.85
C ILE A 69 -26.32 34.95 -0.67
N VAL A 70 -25.35 34.91 -1.57
CA VAL A 70 -24.33 35.96 -1.64
C VAL A 70 -24.47 36.73 -2.94
N ASN A 71 -24.68 38.04 -2.86
CA ASN A 71 -24.77 38.85 -4.08
C ASN A 71 -23.77 39.98 -4.05
N GLU A 72 -22.57 39.71 -4.56
CA GLU A 72 -21.52 40.72 -4.51
C GLU A 72 -21.51 41.56 -5.78
N TYR A 73 -21.77 42.85 -5.60
CA TYR A 73 -21.94 43.76 -6.72
C TYR A 73 -20.61 44.35 -7.15
N ASP A 74 -19.61 44.19 -6.30
CA ASP A 74 -18.24 44.67 -6.55
C ASP A 74 -17.20 43.69 -5.98
N VAL A 75 -16.80 42.72 -6.80
CA VAL A 75 -15.99 41.60 -6.29
C VAL A 75 -14.67 42.03 -5.72
N LYS A 76 -14.16 43.16 -6.19
CA LYS A 76 -12.84 43.63 -5.82
C LYS A 76 -12.84 44.16 -4.38
N SER A 77 -14.02 44.56 -3.89
CA SER A 77 -14.13 45.06 -2.52
C SER A 77 -14.52 43.94 -1.54
N ASN A 78 -14.44 42.70 -2.00
CA ASN A 78 -14.80 41.56 -1.15
C ASN A 78 -13.63 40.62 -0.99
N PRO A 79 -12.99 40.66 0.18
CA PRO A 79 -11.83 39.85 0.61
C PRO A 79 -12.07 38.36 0.47
N LYS A 80 -13.32 37.94 0.34
CA LYS A 80 -13.58 36.51 0.24
C LYS A 80 -13.74 36.13 -1.23
N TYR A 81 -13.66 37.09 -2.14
CA TYR A 81 -13.80 36.79 -3.55
C TYR A 81 -12.64 35.94 -4.05
N LEU A 82 -12.93 34.99 -4.93
CA LEU A 82 -11.92 34.14 -5.57
C LEU A 82 -12.05 34.25 -7.09
N ALA A 83 -11.07 34.87 -7.73
CA ALA A 83 -11.13 35.13 -9.18
C ALA A 83 -10.96 33.86 -10.04
N CYS A 84 -12.00 33.54 -10.80
CA CYS A 84 -11.94 32.42 -11.72
C CYS A 84 -11.93 32.99 -13.11
N PHE A 85 -12.24 34.27 -13.20
CA PHE A 85 -12.31 34.94 -14.49
C PHE A 85 -11.86 36.37 -14.34
N PRO A 86 -11.05 36.84 -15.30
CA PRO A 86 -10.34 38.11 -15.14
C PRO A 86 -11.23 39.32 -15.32
N SER A 87 -12.46 39.09 -15.73
CA SER A 87 -13.27 40.19 -16.16
C SER A 87 -14.53 40.32 -15.28
N THR A 88 -14.73 39.39 -14.35
CA THR A 88 -15.99 39.36 -13.61
C THR A 88 -16.02 40.53 -12.62
N GLN A 89 -17.16 41.17 -12.47
CA GLN A 89 -17.28 42.28 -11.53
C GLN A 89 -18.35 42.01 -10.47
N SER A 90 -19.36 41.23 -10.86
CA SER A 90 -20.41 40.78 -9.97
C SER A 90 -20.46 39.27 -9.96
N GLU A 91 -20.59 38.68 -8.78
CA GLU A 91 -20.81 37.24 -8.64
C GLU A 91 -21.98 37.03 -7.70
N ILE A 92 -22.88 36.13 -8.06
CA ILE A 92 -23.97 35.78 -7.16
C ILE A 92 -23.92 34.29 -6.92
N VAL A 93 -24.00 33.90 -5.66
CA VAL A 93 -23.97 32.50 -5.33
C VAL A 93 -25.24 32.18 -4.56
N VAL A 94 -26.02 31.24 -5.08
CA VAL A 94 -27.29 30.89 -4.49
C VAL A 94 -27.23 29.44 -4.04
N PRO A 95 -27.48 29.21 -2.73
CA PRO A 95 -27.36 27.88 -2.15
C PRO A 95 -28.43 26.93 -2.64
N VAL A 96 -28.06 25.68 -2.89
CA VAL A 96 -29.04 24.66 -3.21
C VAL A 96 -29.26 23.76 -1.98
N ARG A 97 -30.48 23.82 -1.46
CA ARG A 97 -30.80 23.18 -0.18
C ARG A 97 -31.70 21.99 -0.42
N TYR A 98 -31.31 20.84 0.13
CA TYR A 98 -32.11 19.63 0.09
C TYR A 98 -32.50 19.22 1.50
N GLN A 99 -33.79 19.30 1.82
CA GLN A 99 -34.27 19.05 3.17
C GLN A 99 -33.48 19.94 4.11
N GLY A 100 -33.53 21.25 3.84
CA GLY A 100 -32.96 22.24 4.73
C GLY A 100 -31.45 22.40 4.67
N GLU A 101 -30.76 21.27 4.54
CA GLU A 101 -29.30 21.25 4.55
C GLU A 101 -28.80 21.62 3.14
N PRO A 102 -27.75 22.45 3.07
CA PRO A 102 -27.10 22.84 1.82
C PRO A 102 -26.33 21.67 1.19
N ILE A 103 -26.54 21.43 -0.11
CA ILE A 103 -25.90 20.30 -0.78
C ILE A 103 -25.08 20.73 -2.00
N GLY A 104 -25.12 22.03 -2.30
CA GLY A 104 -24.47 22.59 -3.47
C GLY A 104 -25.00 23.99 -3.69
N GLU A 105 -24.71 24.58 -4.85
CA GLU A 105 -25.04 25.99 -5.10
C GLU A 105 -25.10 26.31 -6.59
N ILE A 106 -25.87 27.34 -6.93
CA ILE A 106 -25.73 27.91 -8.27
C ILE A 106 -24.79 29.11 -8.17
N ASP A 107 -23.74 29.11 -9.01
CA ASP A 107 -22.75 30.17 -9.05
C ASP A 107 -22.83 30.90 -10.38
N ILE A 108 -22.95 32.21 -10.35
CA ILE A 108 -23.09 32.96 -11.60
C ILE A 108 -22.23 34.23 -11.56
N ASP A 109 -21.34 34.33 -12.55
CA ASP A 109 -20.45 35.48 -12.66
C ASP A 109 -20.95 36.42 -13.77
N SER A 110 -20.71 37.70 -13.58
CA SER A 110 -21.04 38.70 -14.58
C SER A 110 -19.91 39.70 -14.67
N ASP A 111 -19.60 40.11 -15.91
CA ASP A 111 -18.55 41.11 -16.15
C ASP A 111 -19.07 42.49 -15.79
N LYS A 112 -20.39 42.63 -15.79
CA LYS A 112 -21.04 43.87 -15.41
C LYS A 112 -21.03 44.05 -13.89
N LYS A 113 -20.75 45.28 -13.45
CA LYS A 113 -20.75 45.66 -12.04
C LYS A 113 -22.19 45.76 -11.54
N ALA A 114 -22.43 45.38 -10.28
CA ALA A 114 -23.79 45.41 -9.71
C ALA A 114 -24.80 44.74 -10.65
N ALA A 115 -24.44 43.56 -11.14
CA ALA A 115 -25.24 42.89 -12.14
C ALA A 115 -26.55 42.37 -11.58
N PHE A 116 -26.55 41.94 -10.32
CA PHE A 116 -27.68 41.16 -9.86
C PHE A 116 -28.63 41.90 -8.91
N SER A 117 -29.92 41.90 -9.25
CA SER A 117 -30.97 42.59 -8.49
C SER A 117 -31.80 41.65 -7.61
N LYS A 118 -32.72 42.22 -6.83
CA LYS A 118 -33.54 41.39 -5.93
C LYS A 118 -34.40 40.43 -6.74
N GLU A 119 -34.71 40.81 -7.97
CA GLU A 119 -35.43 39.93 -8.88
C GLU A 119 -34.57 38.74 -9.19
N ASP A 120 -33.30 39.00 -9.57
CA ASP A 120 -32.34 37.91 -9.79
C ASP A 120 -32.27 37.01 -8.57
N GLU A 121 -32.05 37.62 -7.39
CA GLU A 121 -31.98 36.90 -6.13
C GLU A 121 -33.24 36.06 -5.91
N ALA A 122 -34.40 36.63 -6.21
CA ALA A 122 -35.66 35.96 -6.00
C ALA A 122 -35.79 34.71 -6.86
N MET A 123 -35.66 34.92 -8.16
CA MET A 123 -35.84 33.85 -9.12
C MET A 123 -34.87 32.70 -8.92
N LEU A 124 -33.61 33.05 -8.73
CA LEU A 124 -32.55 32.05 -8.63
C LEU A 124 -32.80 31.16 -7.43
N SER A 125 -33.29 31.75 -6.35
CA SER A 125 -33.60 30.97 -5.16
C SER A 125 -34.71 29.99 -5.45
N SER A 126 -35.72 30.42 -6.19
CA SER A 126 -36.83 29.56 -6.54
C SER A 126 -36.28 28.39 -7.32
N ILE A 127 -35.41 28.71 -8.25
CA ILE A 127 -34.84 27.71 -9.14
C ILE A 127 -33.94 26.72 -8.42
N ALA A 128 -33.10 27.22 -7.51
CA ALA A 128 -32.23 26.35 -6.73
C ALA A 128 -33.10 25.31 -6.02
N ASP A 129 -34.27 25.74 -5.58
CA ASP A 129 -35.19 24.83 -4.92
C ASP A 129 -35.74 23.79 -5.87
N LEU A 130 -36.18 24.26 -7.03
CA LEU A 130 -36.73 23.41 -8.06
C LEU A 130 -35.74 22.33 -8.46
N MET A 131 -34.46 22.70 -8.40
CA MET A 131 -33.40 21.83 -8.90
C MET A 131 -32.79 20.93 -7.83
N ALA A 132 -33.12 21.25 -6.58
CA ALA A 132 -32.50 20.61 -5.43
C ALA A 132 -32.46 19.07 -5.49
N PRO A 133 -33.58 18.43 -5.88
CA PRO A 133 -33.50 16.96 -5.88
C PRO A 133 -32.54 16.46 -6.92
N LEU A 134 -32.51 17.15 -8.05
CA LEU A 134 -31.64 16.76 -9.14
C LEU A 134 -30.19 16.90 -8.77
N VAL A 135 -29.86 18.07 -8.20
CA VAL A 135 -28.50 18.35 -7.76
C VAL A 135 -28.04 17.29 -6.79
N HIS A 136 -28.95 16.94 -5.90
CA HIS A 136 -28.73 15.99 -4.83
C HIS A 136 -28.15 14.66 -5.33
N GLU A 137 -28.44 14.32 -6.59
CA GLU A 137 -27.93 13.09 -7.15
C GLU A 137 -26.40 13.10 -7.15
N PHE A 138 -25.79 14.28 -7.05
CA PHE A 138 -24.32 14.35 -6.99
C PHE A 138 -23.79 14.61 -5.58
N PHE A 139 -24.69 14.72 -4.62
CA PHE A 139 -24.29 15.03 -3.26
C PHE A 139 -23.64 13.82 -2.58
N VAL A 140 -22.59 14.07 -1.80
CA VAL A 140 -21.90 13.04 -1.00
C VAL A 140 -21.43 13.66 0.32
N LYS A 141 -21.68 12.99 1.44
CA LYS A 141 -21.33 13.58 2.73
C LYS A 141 -20.00 12.97 3.24
N LEU A 142 -19.73 13.05 4.55
CA LEU A 142 -18.42 12.67 5.07
C LEU A 142 -18.40 11.47 6.02
N ASP B 2 -41.67 33.11 -17.29
CA ASP B 2 -42.04 32.88 -15.88
C ASP B 2 -41.21 31.69 -15.38
N LEU B 3 -41.42 31.30 -14.11
CA LEU B 3 -40.84 30.08 -13.55
C LEU B 3 -41.38 28.92 -14.37
N LYS B 4 -42.65 29.02 -14.74
CA LYS B 4 -43.30 28.00 -15.55
C LYS B 4 -42.49 27.69 -16.80
N GLU B 5 -42.03 28.74 -17.48
CA GLU B 5 -41.25 28.55 -18.68
C GLU B 5 -39.98 27.77 -18.41
N PHE B 6 -39.30 28.11 -17.32
CA PHE B 6 -38.09 27.38 -16.92
C PHE B 6 -38.42 25.92 -16.64
N ALA B 7 -39.50 25.73 -15.89
CA ALA B 7 -39.93 24.39 -15.56
C ALA B 7 -40.27 23.65 -16.85
N ARG B 8 -40.99 24.32 -17.74
CA ARG B 8 -41.32 23.71 -19.01
C ARG B 8 -40.06 23.33 -19.71
N SER B 9 -39.10 24.26 -19.71
CA SER B 9 -37.79 24.02 -20.28
C SER B 9 -37.20 22.71 -19.77
N GLN B 10 -37.21 22.51 -18.45
CA GLN B 10 -36.65 21.30 -17.85
C GLN B 10 -37.47 20.07 -18.25
N MET B 11 -38.79 20.24 -18.28
CA MET B 11 -39.67 19.11 -18.58
C MET B 11 -39.49 18.64 -20.01
N GLN B 12 -39.28 19.59 -20.91
CA GLN B 12 -39.02 19.25 -22.29
C GLN B 12 -37.69 18.49 -22.39
N ALA B 13 -36.69 18.99 -21.68
CA ALA B 13 -35.36 18.39 -21.69
C ALA B 13 -35.41 16.97 -21.15
N ALA B 14 -36.27 16.76 -20.16
CA ALA B 14 -36.41 15.44 -19.58
C ALA B 14 -37.02 14.52 -20.63
N CYS B 15 -38.10 14.98 -21.26
CA CYS B 15 -38.73 14.24 -22.34
C CYS B 15 -37.73 13.86 -23.43
N GLN B 16 -36.86 14.82 -23.76
CA GLN B 16 -35.87 14.61 -24.80
C GLN B 16 -34.93 13.52 -24.40
N TYR B 17 -34.25 13.71 -23.26
CA TYR B 17 -33.31 12.75 -22.74
C TYR B 17 -33.93 11.36 -22.69
N LEU B 18 -35.19 11.29 -22.26
CA LEU B 18 -35.87 10.00 -22.23
C LEU B 18 -36.04 9.38 -23.61
N LYS B 19 -36.55 10.17 -24.55
CA LYS B 19 -36.79 9.70 -25.90
C LYS B 19 -35.52 9.22 -26.59
N GLU B 20 -34.42 9.90 -26.27
CA GLU B 20 -33.14 9.60 -26.89
C GLU B 20 -32.54 8.32 -26.36
N LYS B 21 -32.49 8.22 -25.05
CA LYS B 21 -31.78 7.11 -24.43
C LYS B 21 -32.59 5.81 -24.54
N ASN B 22 -33.88 5.91 -24.76
CA ASN B 22 -34.72 4.72 -24.87
C ASN B 22 -35.52 4.80 -26.15
N PRO B 23 -35.05 4.08 -27.18
CA PRO B 23 -35.62 4.19 -28.53
C PRO B 23 -37.00 3.55 -28.60
N LYS B 24 -37.31 2.67 -27.66
CA LYS B 24 -38.62 2.03 -27.64
C LYS B 24 -39.68 3.05 -27.22
N TYR B 25 -39.24 4.10 -26.55
CA TYR B 25 -40.15 5.16 -26.18
C TYR B 25 -40.54 5.92 -27.45
N ASP B 26 -41.79 5.75 -27.89
CA ASP B 26 -42.24 6.41 -29.11
C ASP B 26 -42.90 7.73 -28.79
N TRP B 27 -43.40 7.86 -27.58
CA TRP B 27 -43.95 9.12 -27.13
C TRP B 27 -43.69 9.30 -25.65
N VAL B 28 -43.27 10.49 -25.30
CA VAL B 28 -42.92 10.81 -23.93
C VAL B 28 -43.52 12.15 -23.60
N GLY B 29 -44.39 12.20 -22.63
CA GLY B 29 -45.06 13.44 -22.29
C GLY B 29 -45.32 13.59 -20.80
N PHE B 30 -45.44 14.84 -20.37
CA PHE B 30 -45.75 15.17 -18.99
C PHE B 30 -47.15 15.73 -18.85
N TYR B 31 -48.04 15.02 -18.18
CA TYR B 31 -49.36 15.58 -17.85
C TYR B 31 -49.42 16.13 -16.42
N VAL B 32 -50.00 17.31 -16.25
CA VAL B 32 -50.10 17.95 -14.93
C VAL B 32 -51.55 18.16 -14.52
N LEU B 33 -51.83 17.88 -13.25
CA LEU B 33 -53.15 18.16 -12.68
C LEU B 33 -53.40 19.67 -12.57
N GLU B 34 -54.34 20.17 -13.37
CA GLU B 34 -54.70 21.58 -13.33
C GLU B 34 -56.23 21.70 -13.30
N HIS B 35 -56.77 22.17 -12.18
CA HIS B 35 -58.21 22.28 -12.03
C HIS B 35 -58.91 20.96 -12.21
N GLY B 36 -58.33 19.92 -11.63
CA GLY B 36 -58.94 18.61 -11.64
C GLY B 36 -58.85 17.88 -12.97
N LYS B 37 -58.12 18.46 -13.93
CA LYS B 37 -57.92 17.79 -15.21
C LYS B 37 -56.43 17.64 -15.51
N LEU B 38 -56.10 16.62 -16.29
CA LEU B 38 -54.73 16.41 -16.74
C LEU B 38 -54.48 17.16 -18.03
N LYS B 39 -53.59 18.15 -17.98
CA LYS B 39 -53.22 18.89 -19.18
C LYS B 39 -51.77 18.64 -19.53
N LEU B 40 -51.51 18.49 -20.82
CA LEU B 40 -50.16 18.23 -21.31
C LEU B 40 -49.38 19.52 -21.28
N GLU B 41 -48.15 19.47 -20.76
CA GLU B 41 -47.37 20.69 -20.61
C GLU B 41 -45.94 20.55 -21.13
N ALA B 42 -45.59 19.36 -21.60
CA ALA B 42 -44.31 19.10 -22.26
C ALA B 42 -44.37 17.72 -22.86
N PHE B 43 -43.79 17.55 -24.04
CA PHE B 43 -43.76 16.22 -24.66
C PHE B 43 -42.74 16.16 -25.80
N VAL B 44 -42.38 14.94 -26.17
CA VAL B 44 -41.49 14.71 -27.30
C VAL B 44 -42.08 13.57 -28.10
N GLY B 45 -42.39 13.86 -29.36
CA GLY B 45 -42.97 12.89 -30.26
C GLY B 45 -44.05 13.49 -31.14
N GLU B 46 -44.89 12.64 -31.69
CA GLU B 46 -46.00 13.06 -32.52
C GLU B 46 -46.98 13.88 -31.67
N LYS B 47 -47.70 14.81 -32.29
CA LYS B 47 -48.72 15.57 -31.55
C LYS B 47 -49.83 14.61 -31.12
N THR B 48 -50.29 14.74 -29.88
CA THR B 48 -51.30 13.83 -29.32
C THR B 48 -52.73 14.27 -29.67
N ASP B 49 -53.62 13.30 -29.82
CA ASP B 49 -55.03 13.54 -30.09
C ASP B 49 -55.71 14.21 -28.88
N HIS B 50 -55.14 13.94 -27.71
CA HIS B 50 -55.72 14.35 -26.45
C HIS B 50 -54.77 15.18 -25.59
N VAL B 51 -54.68 16.47 -25.88
CA VAL B 51 -53.76 17.36 -25.16
C VAL B 51 -54.31 17.67 -23.78
N GLU B 52 -55.61 17.51 -23.64
CA GLU B 52 -56.24 17.65 -22.35
C GLU B 52 -57.12 16.42 -22.13
N ILE B 53 -57.05 15.87 -20.93
CA ILE B 53 -57.72 14.62 -20.63
C ILE B 53 -58.72 14.78 -19.50
N ASN B 54 -59.92 14.26 -19.72
CA ASN B 54 -60.97 14.25 -18.70
C ASN B 54 -60.69 13.23 -17.63
N LEU B 55 -60.73 13.63 -16.35
CA LEU B 55 -60.40 12.70 -15.28
C LEU B 55 -61.38 11.53 -15.29
N GLY B 56 -60.82 10.33 -15.36
CA GLY B 56 -61.57 9.11 -15.56
C GLY B 56 -61.10 8.41 -16.82
N ASP B 57 -60.92 9.20 -17.88
CA ASP B 57 -60.52 8.64 -19.16
C ASP B 57 -59.04 8.25 -19.17
N GLY B 58 -58.77 7.08 -19.75
CA GLY B 58 -57.41 6.69 -20.02
C GLY B 58 -56.63 6.18 -18.83
N LEU B 59 -55.52 5.51 -19.15
CA LEU B 59 -54.57 5.06 -18.16
C LEU B 59 -53.91 6.26 -17.51
N CYS B 60 -53.99 7.40 -18.19
CA CYS B 60 -53.50 8.64 -17.63
C CYS B 60 -54.27 8.90 -16.32
N SER B 61 -55.57 8.66 -16.34
CA SER B 61 -56.37 8.89 -15.14
C SER B 61 -56.19 7.80 -14.09
N LEU B 62 -55.93 6.58 -14.53
CA LEU B 62 -55.77 5.47 -13.58
C LEU B 62 -54.63 5.75 -12.61
N ALA B 63 -53.50 6.18 -13.17
CA ALA B 63 -52.27 6.37 -12.41
C ALA B 63 -52.44 7.38 -11.30
N VAL B 64 -53.12 8.52 -11.55
CA VAL B 64 -53.28 9.52 -10.49
C VAL B 64 -54.43 9.22 -9.55
N LEU B 65 -55.48 8.54 -10.00
CA LEU B 65 -56.61 8.30 -9.13
C LEU B 65 -56.29 7.22 -8.12
N LYS B 66 -55.54 6.23 -8.58
CA LYS B 66 -55.09 5.14 -7.73
C LYS B 66 -53.66 5.39 -7.25
N ASN B 67 -53.11 6.56 -7.59
CA ASN B 67 -51.76 6.96 -7.17
C ASN B 67 -50.72 5.84 -7.32
N ASP B 68 -50.69 5.17 -8.46
CA ASP B 68 -49.75 4.09 -8.66
C ASP B 68 -49.38 3.94 -10.14
N ILE B 69 -48.22 3.32 -10.39
CA ILE B 69 -47.73 3.02 -11.73
C ILE B 69 -48.71 2.16 -12.52
N VAL B 70 -48.94 2.53 -13.77
CA VAL B 70 -49.69 1.67 -14.67
C VAL B 70 -48.72 1.23 -15.75
N ASN B 71 -48.51 -0.06 -15.87
CA ASN B 71 -47.63 -0.58 -16.90
C ASN B 71 -48.39 -1.59 -17.71
N GLU B 72 -49.07 -1.09 -18.73
CA GLU B 72 -49.90 -1.93 -19.58
C GLU B 72 -49.10 -2.45 -20.77
N TYR B 73 -48.96 -3.77 -20.84
CA TYR B 73 -48.14 -4.36 -21.89
C TYR B 73 -48.92 -4.64 -23.15
N ASP B 74 -50.25 -4.62 -23.04
CA ASP B 74 -51.12 -4.79 -24.19
C ASP B 74 -52.34 -3.90 -24.05
N VAL B 75 -52.24 -2.69 -24.58
CA VAL B 75 -53.27 -1.68 -24.35
C VAL B 75 -54.63 -2.13 -24.87
N LYS B 76 -54.64 -3.07 -25.81
CA LYS B 76 -55.90 -3.46 -26.44
C LYS B 76 -56.76 -4.25 -25.48
N SER B 77 -56.13 -4.94 -24.54
CA SER B 77 -56.88 -5.80 -23.62
C SER B 77 -57.25 -5.06 -22.33
N ASN B 78 -57.13 -3.74 -22.37
CA ASN B 78 -57.44 -2.89 -21.24
C ASN B 78 -58.55 -1.84 -21.54
N PRO B 79 -59.74 -2.04 -20.96
CA PRO B 79 -60.93 -1.18 -21.06
C PRO B 79 -60.72 0.30 -20.68
N LYS B 80 -59.67 0.60 -19.93
CA LYS B 80 -59.45 1.97 -19.51
C LYS B 80 -58.43 2.64 -20.40
N TYR B 81 -57.98 1.92 -21.43
CA TYR B 81 -57.04 2.50 -22.39
C TYR B 81 -57.77 3.62 -23.15
N LEU B 82 -57.04 4.68 -23.41
CA LEU B 82 -57.55 5.78 -24.20
C LEU B 82 -56.57 6.01 -25.31
N ALA B 83 -56.97 5.68 -26.54
CA ALA B 83 -56.07 5.73 -27.68
C ALA B 83 -55.73 7.16 -28.08
N CYS B 84 -54.45 7.51 -28.00
CA CYS B 84 -53.98 8.81 -28.42
C CYS B 84 -53.21 8.62 -29.69
N PHE B 85 -52.92 7.37 -29.99
CA PHE B 85 -52.11 7.03 -31.14
C PHE B 85 -52.59 5.71 -31.73
N PRO B 86 -52.63 5.62 -33.07
CA PRO B 86 -53.21 4.44 -33.69
C PRO B 86 -52.31 3.22 -33.59
N SER B 87 -51.09 3.42 -33.09
CA SER B 87 -50.07 2.39 -33.20
C SER B 87 -49.49 1.85 -31.88
N THR B 88 -49.83 2.47 -30.76
CA THR B 88 -49.22 2.08 -29.50
C THR B 88 -49.88 0.82 -28.94
N GLN B 89 -49.04 -0.05 -28.37
CA GLN B 89 -49.48 -1.32 -27.83
C GLN B 89 -49.19 -1.43 -26.36
N SER B 90 -48.14 -0.74 -25.94
CA SER B 90 -47.74 -0.64 -24.54
C SER B 90 -47.77 0.82 -24.13
N GLU B 91 -48.33 1.06 -22.95
CA GLU B 91 -48.30 2.37 -22.31
C GLU B 91 -47.90 2.23 -20.83
N ILE B 92 -47.00 3.09 -20.36
CA ILE B 92 -46.63 3.12 -18.95
C ILE B 92 -46.92 4.50 -18.37
N VAL B 93 -47.60 4.54 -17.22
CA VAL B 93 -47.90 5.82 -16.61
C VAL B 93 -47.36 5.86 -15.20
N VAL B 94 -46.54 6.87 -14.92
CA VAL B 94 -45.88 7.00 -13.64
C VAL B 94 -46.32 8.28 -12.93
N PRO B 95 -46.87 8.13 -11.72
CA PRO B 95 -47.36 9.32 -11.00
C PRO B 95 -46.21 10.19 -10.52
N VAL B 96 -46.38 11.50 -10.64
CA VAL B 96 -45.43 12.45 -10.07
C VAL B 96 -46.07 13.07 -8.83
N ARG B 97 -45.41 12.89 -7.69
CA ARG B 97 -45.94 13.27 -6.38
C ARG B 97 -45.24 14.47 -5.74
N TYR B 98 -46.02 15.44 -5.29
CA TYR B 98 -45.43 16.55 -4.56
C TYR B 98 -45.94 16.56 -3.12
N GLN B 99 -45.02 16.33 -2.20
CA GLN B 99 -45.39 16.20 -0.81
C GLN B 99 -46.45 15.13 -0.70
N GLY B 100 -46.11 13.92 -1.18
CA GLY B 100 -46.99 12.77 -1.04
C GLY B 100 -48.17 12.65 -1.99
N GLU B 101 -48.81 13.78 -2.30
CA GLU B 101 -49.98 13.83 -3.17
C GLU B 101 -49.57 13.85 -4.66
N PRO B 102 -50.29 13.08 -5.50
CA PRO B 102 -50.02 13.07 -6.95
C PRO B 102 -50.45 14.37 -7.58
N ILE B 103 -49.56 14.98 -8.37
CA ILE B 103 -49.81 16.27 -8.99
C ILE B 103 -49.68 16.19 -10.51
N GLY B 104 -49.35 15.01 -11.00
CA GLY B 104 -49.17 14.84 -12.42
C GLY B 104 -48.50 13.51 -12.67
N GLU B 105 -48.07 13.32 -13.90
CA GLU B 105 -47.56 12.03 -14.33
C GLU B 105 -46.67 12.12 -15.56
N ILE B 106 -45.79 11.14 -15.66
CA ILE B 106 -45.04 10.91 -16.89
C ILE B 106 -45.82 9.85 -17.67
N ASP B 107 -46.20 10.19 -18.91
CA ASP B 107 -46.93 9.28 -19.79
C ASP B 107 -46.04 8.92 -20.95
N ILE B 108 -45.89 7.63 -21.20
CA ILE B 108 -45.02 7.15 -22.26
C ILE B 108 -45.72 6.07 -23.08
N ASP B 109 -45.83 6.31 -24.39
CA ASP B 109 -46.44 5.34 -25.30
C ASP B 109 -45.40 4.60 -26.13
N SER B 110 -45.68 3.34 -26.43
CA SER B 110 -44.80 2.58 -27.31
C SER B 110 -45.59 1.70 -28.25
N ASP B 111 -45.12 1.62 -29.49
CA ASP B 111 -45.77 0.79 -30.50
C ASP B 111 -45.46 -0.68 -30.24
N LYS B 112 -44.33 -0.94 -29.58
CA LYS B 112 -43.95 -2.30 -29.22
C LYS B 112 -44.83 -2.84 -28.09
N LYS B 113 -45.27 -4.09 -28.24
CA LYS B 113 -46.03 -4.79 -27.20
C LYS B 113 -45.06 -5.19 -26.09
N ALA B 114 -45.52 -5.17 -24.84
CA ALA B 114 -44.68 -5.48 -23.67
C ALA B 114 -43.35 -4.72 -23.68
N ALA B 115 -43.44 -3.41 -23.93
CA ALA B 115 -42.25 -2.61 -24.05
C ALA B 115 -41.55 -2.39 -22.70
N PHE B 116 -42.30 -2.29 -21.62
CA PHE B 116 -41.71 -1.76 -20.40
C PHE B 116 -41.43 -2.79 -19.34
N SER B 117 -40.19 -2.79 -18.88
CA SER B 117 -39.70 -3.74 -17.90
C SER B 117 -39.70 -3.09 -16.55
N LYS B 118 -39.39 -3.87 -15.52
CA LYS B 118 -39.35 -3.35 -14.16
C LYS B 118 -38.26 -2.28 -14.04
N GLU B 119 -37.22 -2.39 -14.87
CA GLU B 119 -36.20 -1.36 -14.90
C GLU B 119 -36.78 -0.04 -15.38
N ASP B 120 -37.56 -0.07 -16.46
CA ASP B 120 -38.25 1.13 -16.90
C ASP B 120 -39.05 1.72 -15.75
N GLU B 121 -39.86 0.87 -15.13
CA GLU B 121 -40.70 1.30 -14.02
C GLU B 121 -39.86 1.99 -12.94
N ALA B 122 -38.71 1.40 -12.63
CA ALA B 122 -37.84 1.94 -11.58
C ALA B 122 -37.32 3.32 -11.95
N MET B 123 -36.67 3.40 -13.10
CA MET B 123 -36.07 4.64 -13.54
C MET B 123 -37.13 5.73 -13.63
N LEU B 124 -38.27 5.41 -14.22
CA LEU B 124 -39.29 6.40 -14.43
C LEU B 124 -39.80 6.92 -13.10
N SER B 125 -39.89 6.03 -12.12
CA SER B 125 -40.35 6.46 -10.81
C SER B 125 -39.36 7.39 -10.16
N SER B 126 -38.09 7.06 -10.28
CA SER B 126 -37.04 7.93 -9.76
C SER B 126 -37.03 9.27 -10.48
N ILE B 127 -37.23 9.23 -11.78
CA ILE B 127 -37.21 10.45 -12.55
C ILE B 127 -38.42 11.28 -12.15
N ALA B 128 -39.55 10.60 -11.95
CA ALA B 128 -40.77 11.29 -11.56
C ALA B 128 -40.54 12.06 -10.27
N ASP B 129 -39.82 11.44 -9.34
CA ASP B 129 -39.52 12.07 -8.07
C ASP B 129 -38.59 13.26 -8.23
N LEU B 130 -37.49 13.09 -8.96
CA LEU B 130 -36.54 14.19 -9.21
C LEU B 130 -37.21 15.38 -9.90
N MET B 131 -38.22 15.10 -10.71
CA MET B 131 -38.83 16.13 -11.53
C MET B 131 -39.99 16.80 -10.83
N ALA B 132 -40.42 16.21 -9.72
CA ALA B 132 -41.62 16.66 -9.01
C ALA B 132 -41.75 18.17 -8.70
N PRO B 133 -40.68 18.82 -8.20
CA PRO B 133 -40.84 20.25 -7.89
C PRO B 133 -41.05 21.08 -9.15
N LEU B 134 -40.39 20.62 -10.21
CA LEU B 134 -40.51 21.30 -11.47
C LEU B 134 -41.93 21.11 -11.98
N VAL B 135 -42.43 19.89 -11.90
CA VAL B 135 -43.78 19.64 -12.37
C VAL B 135 -44.78 20.51 -11.59
N HIS B 136 -44.57 20.59 -10.27
CA HIS B 136 -45.46 21.29 -9.36
C HIS B 136 -45.79 22.73 -9.79
N GLU B 137 -44.89 23.35 -10.53
CA GLU B 137 -45.12 24.74 -10.92
C GLU B 137 -46.39 24.91 -11.74
N PHE B 138 -46.87 23.83 -12.34
CA PHE B 138 -48.07 23.93 -13.17
C PHE B 138 -49.30 23.41 -12.44
N PHE B 139 -49.10 22.99 -11.21
CA PHE B 139 -50.17 22.36 -10.46
C PHE B 139 -51.19 23.38 -10.05
N VAL B 140 -52.46 22.98 -10.07
CA VAL B 140 -53.61 23.75 -9.59
C VAL B 140 -54.66 22.75 -9.06
N LYS B 141 -55.28 23.05 -7.93
CA LYS B 141 -56.26 22.15 -7.32
C LYS B 141 -57.74 22.58 -7.55
N ASP C 2 -14.54 -16.65 20.07
CA ASP C 2 -14.09 -16.46 18.69
C ASP C 2 -12.64 -16.94 18.62
N LEU C 3 -12.04 -16.86 17.43
CA LEU C 3 -10.60 -17.10 17.25
C LEU C 3 -9.88 -16.04 18.07
N LYS C 4 -10.42 -14.83 18.02
CA LYS C 4 -9.89 -13.71 18.79
C LYS C 4 -9.73 -14.09 20.24
N GLU C 5 -10.77 -14.73 20.77
CA GLU C 5 -10.74 -15.14 22.16
C GLU C 5 -9.56 -16.10 22.38
N PHE C 6 -9.41 -17.06 21.46
CA PHE C 6 -8.28 -18.00 21.54
C PHE C 6 -6.94 -17.31 21.44
N ALA C 7 -6.85 -16.39 20.48
CA ALA C 7 -5.63 -15.64 20.29
C ALA C 7 -5.32 -14.86 21.54
N ARG C 8 -6.35 -14.25 22.10
CA ARG C 8 -6.17 -13.48 23.33
C ARG C 8 -5.60 -14.39 24.38
N SER C 9 -6.20 -15.57 24.47
CA SER C 9 -5.74 -16.61 25.36
C SER C 9 -4.24 -16.82 25.19
N GLN C 10 -3.79 -17.03 23.96
CA GLN C 10 -2.37 -17.27 23.69
C GLN C 10 -1.56 -16.05 24.07
N MET C 11 -2.10 -14.87 23.78
CA MET C 11 -1.40 -13.62 24.06
C MET C 11 -1.25 -13.40 25.54
N GLN C 12 -2.29 -13.74 26.29
CA GLN C 12 -2.24 -13.60 27.74
C GLN C 12 -1.16 -14.56 28.30
N ALA C 13 -1.14 -15.78 27.77
CA ALA C 13 -0.19 -16.80 28.21
C ALA C 13 1.24 -16.37 27.95
N ALA C 14 1.45 -15.66 26.84
CA ALA C 14 2.77 -15.18 26.52
C ALA C 14 3.18 -14.11 27.52
N CYS C 15 2.27 -13.15 27.75
CA CYS C 15 2.48 -12.12 28.76
C CYS C 15 2.83 -12.71 30.12
N GLN C 16 2.11 -13.79 30.47
CA GLN C 16 2.32 -14.46 31.72
C GLN C 16 3.71 -15.05 31.77
N TYR C 17 3.99 -15.95 30.83
CA TYR C 17 5.30 -16.61 30.75
C TYR C 17 6.42 -15.59 30.81
N LEU C 18 6.26 -14.48 30.10
CA LEU C 18 7.27 -13.44 30.13
C LEU C 18 7.45 -12.85 31.54
N LYS C 19 6.33 -12.49 32.16
CA LYS C 19 6.36 -11.88 33.49
C LYS C 19 7.00 -12.78 34.53
N GLU C 20 6.76 -14.08 34.39
CA GLU C 20 7.23 -15.06 35.35
C GLU C 20 8.72 -15.27 35.22
N LYS C 21 9.17 -15.48 33.99
CA LYS C 21 10.57 -15.85 33.77
C LYS C 21 11.50 -14.64 33.93
N ASN C 22 10.97 -13.43 33.81
CA ASN C 22 11.80 -12.24 33.92
C ASN C 22 11.18 -11.28 34.94
N PRO C 23 11.74 -11.27 36.15
CA PRO C 23 11.17 -10.53 37.28
C PRO C 23 11.34 -9.03 37.09
N LYS C 24 12.30 -8.63 36.25
CA LYS C 24 12.50 -7.20 36.01
C LYS C 24 11.37 -6.61 35.17
N TYR C 25 10.67 -7.49 34.45
CA TYR C 25 9.54 -7.04 33.68
C TYR C 25 8.39 -6.70 34.65
N ASP C 26 8.08 -5.41 34.81
CA ASP C 26 7.02 -4.97 35.73
C ASP C 26 5.68 -4.85 35.04
N TRP C 27 5.72 -4.67 33.73
CA TRP C 27 4.50 -4.68 32.96
C TRP C 27 4.76 -5.26 31.59
N VAL C 28 3.87 -6.14 31.15
CA VAL C 28 4.04 -6.83 29.88
C VAL C 28 2.72 -6.84 29.16
N GLY C 29 2.69 -6.23 27.99
CA GLY C 29 1.45 -6.12 27.25
C GLY C 29 1.58 -6.14 25.74
N PHE C 30 0.50 -6.50 25.09
CA PHE C 30 0.40 -6.55 23.64
C PHE C 30 -0.50 -5.46 23.07
N TYR C 31 0.06 -4.50 22.35
CA TYR C 31 -0.77 -3.52 21.65
C TYR C 31 -0.91 -3.90 20.19
N VAL C 32 -2.14 -3.83 19.66
CA VAL C 32 -2.39 -4.21 18.27
C VAL C 32 -2.91 -3.02 17.49
N LEU C 33 -2.42 -2.87 16.26
CA LEU C 33 -2.92 -1.84 15.35
C LEU C 33 -4.36 -2.12 14.91
N GLU C 34 -5.29 -1.29 15.37
CA GLU C 34 -6.70 -1.41 15.01
C GLU C 34 -7.27 -0.05 14.63
N HIS C 35 -7.57 0.12 13.34
CA HIS C 35 -8.07 1.40 12.82
C HIS C 35 -7.11 2.53 13.08
N GLY C 36 -5.84 2.24 12.83
CA GLY C 36 -4.79 3.24 12.90
C GLY C 36 -4.42 3.65 14.32
N LYS C 37 -4.95 2.95 15.31
CA LYS C 37 -4.60 3.21 16.71
C LYS C 37 -4.09 1.94 17.36
N LEU C 38 -3.24 2.10 18.37
CA LEU C 38 -2.75 0.98 19.15
C LEU C 38 -3.68 0.72 20.31
N LYS C 39 -4.34 -0.44 20.32
CA LYS C 39 -5.24 -0.80 21.41
C LYS C 39 -4.68 -1.99 22.14
N LEU C 40 -4.77 -1.96 23.47
CA LEU C 40 -4.25 -3.03 24.31
C LEU C 40 -5.19 -4.23 24.24
N GLU C 41 -4.63 -5.42 24.07
CA GLU C 41 -5.48 -6.60 23.89
C GLU C 41 -5.06 -7.79 24.75
N ALA C 42 -3.97 -7.63 25.49
CA ALA C 42 -3.54 -8.63 26.46
C ALA C 42 -2.44 -8.01 27.26
N PHE C 43 -2.39 -8.29 28.56
CA PHE C 43 -1.32 -7.77 29.40
C PHE C 43 -1.24 -8.49 30.74
N VAL C 44 -0.11 -8.32 31.42
CA VAL C 44 0.07 -8.85 32.75
C VAL C 44 0.75 -7.77 33.57
N GLY C 45 0.09 -7.36 34.64
CA GLY C 45 0.59 -6.32 35.51
C GLY C 45 -0.52 -5.38 35.95
N GLU C 46 -0.14 -4.21 36.43
CA GLU C 46 -1.10 -3.21 36.86
C GLU C 46 -1.94 -2.71 35.67
N LYS C 47 -3.17 -2.25 35.92
CA LYS C 47 -3.97 -1.67 34.85
C LYS C 47 -3.26 -0.41 34.32
N THR C 48 -3.20 -0.26 33.01
CA THR C 48 -2.48 0.86 32.41
C THR C 48 -3.35 2.11 32.30
N ASP C 49 -2.72 3.28 32.41
CA ASP C 49 -3.41 4.55 32.26
C ASP C 49 -3.92 4.75 30.82
N HIS C 50 -3.22 4.12 29.89
CA HIS C 50 -3.46 4.30 28.47
C HIS C 50 -3.75 3.01 27.75
N VAL C 51 -5.00 2.56 27.84
CA VAL C 51 -5.41 1.28 27.26
C VAL C 51 -5.56 1.41 25.75
N GLU C 52 -5.72 2.64 25.29
CA GLU C 52 -5.74 2.91 23.88
C GLU C 52 -4.79 4.07 23.68
N ILE C 53 -3.99 3.97 22.64
CA ILE C 53 -2.95 4.96 22.40
C ILE C 53 -3.14 5.63 21.06
N ASN C 54 -3.07 6.97 21.08
CA ASN C 54 -3.13 7.78 19.86
C ASN C 54 -1.82 7.69 19.11
N LEU C 55 -1.86 7.32 17.83
CA LEU C 55 -0.61 7.11 17.06
C LEU C 55 0.19 8.40 17.00
N GLY C 56 1.45 8.31 17.44
CA GLY C 56 2.28 9.49 17.61
C GLY C 56 2.75 9.58 19.04
N ASP C 57 1.85 9.28 19.98
CA ASP C 57 2.16 9.36 21.39
C ASP C 57 2.98 8.15 21.84
N GLY C 58 4.01 8.41 22.63
CA GLY C 58 4.71 7.34 23.31
C GLY C 58 5.70 6.56 22.47
N LEU C 59 6.59 5.85 23.17
CA LEU C 59 7.51 4.93 22.53
C LEU C 59 6.75 3.79 21.90
N CYS C 60 5.51 3.60 22.34
CA CYS C 60 4.65 2.61 21.71
C CYS C 60 4.51 2.97 20.22
N SER C 61 4.30 4.25 19.95
CA SER C 61 4.11 4.71 18.58
C SER C 61 5.41 4.72 17.80
N LEU C 62 6.52 4.99 18.48
CA LEU C 62 7.81 5.02 17.79
C LEU C 62 8.10 3.69 17.10
N ALA C 63 7.93 2.60 17.85
CA ALA C 63 8.28 1.25 17.41
C ALA C 63 7.55 0.83 16.15
N VAL C 64 6.25 1.13 16.01
CA VAL C 64 5.52 0.77 14.79
C VAL C 64 5.72 1.76 13.64
N LEU C 65 5.98 3.03 13.96
CA LEU C 65 6.15 4.04 12.93
C LEU C 65 7.48 3.92 12.25
N LYS C 66 8.50 3.57 13.04
CA LYS C 66 9.84 3.38 12.52
C LYS C 66 10.12 1.90 12.34
N ASN C 67 9.11 1.06 12.61
CA ASN C 67 9.23 -0.39 12.49
C ASN C 67 10.54 -0.92 13.11
N ASP C 68 10.85 -0.50 14.33
CA ASP C 68 12.11 -0.97 14.92
C ASP C 68 12.02 -1.06 16.45
N ILE C 69 12.88 -1.89 17.04
CA ILE C 69 12.96 -2.01 18.49
C ILE C 69 13.25 -0.67 19.12
N VAL C 70 12.53 -0.34 20.19
CA VAL C 70 12.85 0.83 20.97
C VAL C 70 13.26 0.30 22.33
N ASN C 71 14.50 0.57 22.72
CA ASN C 71 14.95 0.14 24.04
C ASN C 71 15.44 1.34 24.81
N GLU C 72 14.53 1.98 25.51
CA GLU C 72 14.89 3.17 26.27
C GLU C 72 15.28 2.78 27.68
N TYR C 73 16.52 3.09 28.03
CA TYR C 73 17.05 2.73 29.35
C TYR C 73 16.81 3.81 30.40
N ASP C 74 16.45 5.01 29.94
CA ASP C 74 16.12 6.11 30.84
C ASP C 74 14.98 6.92 30.25
N VAL C 75 13.75 6.52 30.60
CA VAL C 75 12.58 7.11 29.96
C VAL C 75 12.49 8.63 30.21
N LYS C 76 13.13 9.11 31.28
CA LYS C 76 12.96 10.51 31.65
C LYS C 76 13.66 11.43 30.66
N SER C 77 14.72 10.90 30.04
CA SER C 77 15.53 11.67 29.10
C SER C 77 15.09 11.47 27.66
N ASN C 78 13.88 10.94 27.50
CA ASN C 78 13.26 10.71 26.19
C ASN C 78 11.90 11.44 26.01
N PRO C 79 11.90 12.51 25.19
CA PRO C 79 10.73 13.33 24.85
C PRO C 79 9.54 12.58 24.27
N LYS C 80 9.76 11.36 23.76
CA LYS C 80 8.65 10.64 23.15
C LYS C 80 8.08 9.63 24.11
N TYR C 81 8.62 9.59 25.33
CA TYR C 81 8.09 8.70 26.36
C TYR C 81 6.69 9.15 26.77
N LEU C 82 5.81 8.17 26.99
CA LEU C 82 4.47 8.42 27.44
C LEU C 82 4.23 7.64 28.71
N ALA C 83 4.13 8.35 29.83
CA ALA C 83 4.03 7.70 31.13
C ALA C 83 2.69 6.99 31.31
N CYS C 84 2.78 5.68 31.50
CA CYS C 84 1.62 4.86 31.76
C CYS C 84 1.69 4.41 33.20
N PHE C 85 2.85 4.64 33.80
CA PHE C 85 3.15 4.23 35.17
C PHE C 85 4.09 5.23 35.84
N PRO C 86 3.86 5.51 37.13
CA PRO C 86 4.63 6.54 37.83
C PRO C 86 6.05 6.09 38.16
N SER C 87 6.33 4.82 37.89
CA SER C 87 7.55 4.19 38.40
C SER C 87 8.52 3.66 37.36
N THR C 88 8.13 3.64 36.09
CA THR C 88 8.98 3.00 35.08
C THR C 88 10.13 3.91 34.67
N GLN C 89 11.27 3.27 34.45
CA GLN C 89 12.47 3.98 34.09
C GLN C 89 13.01 3.48 32.77
N SER C 90 12.77 2.20 32.53
CA SER C 90 13.12 1.55 31.28
C SER C 90 11.85 1.00 30.65
N GLU C 91 11.73 1.23 29.35
CA GLU C 91 10.66 0.64 28.54
C GLU C 91 11.28 0.05 27.28
N ILE C 92 10.88 -1.16 26.92
CA ILE C 92 11.33 -1.76 25.66
C ILE C 92 10.10 -2.05 24.80
N VAL C 93 10.13 -1.64 23.54
CA VAL C 93 9.02 -1.88 22.64
C VAL C 93 9.50 -2.63 21.42
N VAL C 94 8.89 -3.78 21.14
CA VAL C 94 9.29 -4.65 20.05
C VAL C 94 8.15 -4.79 19.04
N PRO C 95 8.38 -4.42 17.77
CA PRO C 95 7.30 -4.50 16.78
C PRO C 95 6.95 -5.94 16.43
N VAL C 96 5.66 -6.23 16.27
CA VAL C 96 5.21 -7.53 15.79
C VAL C 96 4.78 -7.41 14.33
N ARG C 97 5.46 -8.16 13.46
CA ARG C 97 5.31 -8.03 12.01
C ARG C 97 4.58 -9.19 11.35
N TYR C 98 3.57 -8.87 10.57
CA TYR C 98 2.89 -9.91 9.81
C TYR C 98 3.09 -9.69 8.30
N GLN C 99 3.80 -10.62 7.68
CA GLN C 99 4.17 -10.47 6.28
C GLN C 99 4.90 -9.17 6.11
N GLY C 100 5.97 -8.98 6.87
CA GLY C 100 6.81 -7.80 6.72
C GLY C 100 6.30 -6.51 7.37
N GLU C 101 4.98 -6.30 7.35
CA GLU C 101 4.34 -5.09 7.86
C GLU C 101 4.09 -5.18 9.39
N PRO C 102 4.35 -4.08 10.12
CA PRO C 102 4.10 -4.03 11.56
C PRO C 102 2.61 -4.02 11.84
N ILE C 103 2.14 -4.90 12.71
CA ILE C 103 0.70 -5.00 12.99
C ILE C 103 0.42 -4.78 14.48
N GLY C 104 1.48 -4.59 15.25
CA GLY C 104 1.34 -4.43 16.67
C GLY C 104 2.70 -4.54 17.31
N GLU C 105 2.69 -4.69 18.63
CA GLU C 105 3.94 -4.66 19.38
C GLU C 105 3.83 -5.32 20.73
N ILE C 106 4.96 -5.80 21.22
CA ILE C 106 5.11 -6.21 22.60
C ILE C 106 5.70 -5.00 23.32
N ASP C 107 4.99 -4.52 24.33
CA ASP C 107 5.41 -3.37 25.14
C ASP C 107 5.67 -3.83 26.57
N ILE C 108 6.85 -3.51 27.09
CA ILE C 108 7.23 -3.96 28.42
C ILE C 108 7.86 -2.83 29.22
N ASP C 109 7.27 -2.54 30.38
CA ASP C 109 7.77 -1.49 31.26
C ASP C 109 8.52 -2.07 32.44
N SER C 110 9.57 -1.37 32.87
CA SER C 110 10.31 -1.77 34.05
C SER C 110 10.68 -0.59 34.92
N ASP C 111 10.59 -0.79 36.22
CA ASP C 111 10.93 0.27 37.15
C ASP C 111 12.45 0.42 37.22
N LYS C 112 13.18 -0.65 36.89
CA LYS C 112 14.65 -0.56 36.89
C LYS C 112 15.21 0.24 35.69
N LYS C 113 16.19 1.08 35.96
CA LYS C 113 16.90 1.83 34.92
C LYS C 113 17.82 0.83 34.20
N ALA C 114 17.97 1.00 32.88
CA ALA C 114 18.76 0.09 32.05
C ALA C 114 18.39 -1.38 32.29
N ALA C 115 17.09 -1.66 32.28
CA ALA C 115 16.61 -2.99 32.56
C ALA C 115 16.94 -3.97 31.42
N PHE C 116 16.93 -3.48 30.18
CA PHE C 116 16.92 -4.39 29.04
C PHE C 116 18.24 -4.48 28.31
N SER C 117 18.71 -5.72 28.14
CA SER C 117 19.98 -6.01 27.48
C SER C 117 19.70 -6.44 26.07
N LYS C 118 20.77 -6.64 25.30
CA LYS C 118 20.68 -7.10 23.92
C LYS C 118 20.07 -8.51 23.90
N GLU C 119 20.25 -9.25 24.99
CA GLU C 119 19.58 -10.54 25.13
C GLU C 119 18.09 -10.37 25.20
N ASP C 120 17.61 -9.44 26.04
CA ASP C 120 16.18 -9.15 26.08
C ASP C 120 15.70 -8.81 24.68
N GLU C 121 16.41 -7.91 24.03
CA GLU C 121 16.06 -7.51 22.68
C GLU C 121 15.95 -8.72 21.76
N ALA C 122 16.90 -9.64 21.87
CA ALA C 122 16.92 -10.82 21.00
C ALA C 122 15.68 -11.67 21.21
N MET C 123 15.46 -12.10 22.45
CA MET C 123 14.33 -12.95 22.75
C MET C 123 13.03 -12.29 22.38
N LEU C 124 12.89 -11.02 22.75
CA LEU C 124 11.63 -10.34 22.54
C LEU C 124 11.29 -10.27 21.05
N SER C 125 12.32 -10.09 20.23
CA SER C 125 12.13 -10.03 18.80
C SER C 125 11.69 -11.38 18.28
N SER C 126 12.35 -12.42 18.77
CA SER C 126 12.01 -13.76 18.38
C SER C 126 10.57 -14.10 18.79
N ILE C 127 10.20 -13.69 19.99
CA ILE C 127 8.88 -14.02 20.47
C ILE C 127 7.85 -13.26 19.65
N ALA C 128 8.18 -12.02 19.30
CA ALA C 128 7.26 -11.22 18.51
C ALA C 128 6.91 -11.93 17.22
N ASP C 129 7.93 -12.54 16.61
CA ASP C 129 7.78 -13.27 15.36
C ASP C 129 6.92 -14.51 15.53
N LEU C 130 7.22 -15.31 16.56
CA LEU C 130 6.45 -16.51 16.84
C LEU C 130 4.98 -16.18 17.10
N MET C 131 4.75 -14.99 17.66
CA MET C 131 3.41 -14.64 18.08
C MET C 131 2.63 -13.91 17.00
N ALA C 132 3.31 -13.50 15.95
CA ALA C 132 2.71 -12.63 14.93
C ALA C 132 1.35 -13.06 14.34
N PRO C 133 1.19 -14.35 14.00
CA PRO C 133 -0.12 -14.73 13.44
C PRO C 133 -1.23 -14.61 14.47
N LEU C 134 -0.89 -14.91 15.70
CA LEU C 134 -1.88 -14.83 16.75
C LEU C 134 -2.23 -13.36 16.91
N VAL C 135 -1.22 -12.50 16.95
CA VAL C 135 -1.50 -11.09 17.09
C VAL C 135 -2.38 -10.61 15.93
N HIS C 136 -2.07 -11.08 14.74
CA HIS C 136 -2.76 -10.64 13.52
C HIS C 136 -4.30 -10.74 13.60
N GLU C 137 -4.81 -11.65 14.41
CA GLU C 137 -6.24 -11.84 14.46
C GLU C 137 -6.96 -10.59 14.92
N PHE C 138 -6.25 -9.69 15.57
CA PHE C 138 -6.87 -8.47 16.06
C PHE C 138 -6.55 -7.28 15.17
N PHE C 139 -5.78 -7.55 14.12
CA PHE C 139 -5.32 -6.47 13.28
C PHE C 139 -6.44 -5.96 12.44
N VAL C 140 -6.47 -4.65 12.24
CA VAL C 140 -7.40 -3.95 11.36
C VAL C 140 -6.73 -2.68 10.81
N LYS C 141 -6.90 -2.38 9.52
CA LYS C 141 -6.42 -1.10 8.98
C LYS C 141 -7.57 -0.09 8.80
N ASP D 2 14.33 -19.27 27.21
CA ASP D 2 14.38 -20.23 26.09
C ASP D 2 13.16 -20.23 25.17
N LEU D 3 13.42 -20.33 23.86
CA LEU D 3 12.37 -20.39 22.85
C LEU D 3 11.49 -21.63 22.87
N LYS D 4 12.12 -22.80 22.89
CA LYS D 4 11.38 -24.06 22.98
C LYS D 4 10.49 -24.11 24.23
N GLU D 5 11.06 -23.77 25.38
CA GLU D 5 10.30 -23.80 26.62
C GLU D 5 9.10 -22.88 26.50
N PHE D 6 9.33 -21.70 25.94
CA PHE D 6 8.25 -20.77 25.71
C PHE D 6 7.24 -21.38 24.75
N ALA D 7 7.78 -21.97 23.69
CA ALA D 7 6.97 -22.59 22.65
C ALA D 7 6.08 -23.68 23.24
N ARG D 8 6.65 -24.50 24.11
CA ARG D 8 5.86 -25.53 24.80
C ARG D 8 4.78 -24.85 25.65
N SER D 9 5.16 -23.79 26.38
CA SER D 9 4.18 -23.00 27.13
C SER D 9 2.99 -22.59 26.25
N GLN D 10 3.25 -22.06 25.05
CA GLN D 10 2.14 -21.65 24.19
C GLN D 10 1.32 -22.84 23.75
N MET D 11 2.01 -23.91 23.39
CA MET D 11 1.38 -25.10 22.86
C MET D 11 0.53 -25.79 23.92
N GLN D 12 1.04 -25.78 25.15
CA GLN D 12 0.30 -26.38 26.24
C GLN D 12 -0.99 -25.60 26.44
N ALA D 13 -0.86 -24.29 26.44
CA ALA D 13 -1.97 -23.40 26.65
C ALA D 13 -3.02 -23.60 25.58
N ALA D 14 -2.56 -23.90 24.39
CA ALA D 14 -3.49 -24.12 23.30
C ALA D 14 -4.29 -25.40 23.56
N CYS D 15 -3.58 -26.46 23.92
CA CYS D 15 -4.20 -27.73 24.27
C CYS D 15 -5.27 -27.54 25.34
N GLN D 16 -4.94 -26.70 26.32
CA GLN D 16 -5.82 -26.42 27.44
C GLN D 16 -7.10 -25.73 26.99
N TYR D 17 -6.91 -24.60 26.33
CA TYR D 17 -8.03 -23.83 25.83
C TYR D 17 -8.95 -24.69 25.01
N LEU D 18 -8.35 -25.51 24.16
CA LEU D 18 -9.12 -26.37 23.29
C LEU D 18 -9.97 -27.32 24.13
N LYS D 19 -9.32 -27.97 25.09
CA LYS D 19 -9.96 -28.94 25.96
C LYS D 19 -11.12 -28.34 26.78
N GLU D 20 -10.97 -27.08 27.19
CA GLU D 20 -11.98 -26.39 27.99
C GLU D 20 -13.19 -25.98 27.15
N LYS D 21 -12.93 -25.36 26.02
CA LYS D 21 -14.01 -24.80 25.24
C LYS D 21 -14.83 -25.88 24.54
N ASN D 22 -14.24 -27.06 24.43
CA ASN D 22 -14.88 -28.16 23.72
C ASN D 22 -14.88 -29.44 24.54
N PRO D 23 -16.05 -29.78 25.13
CA PRO D 23 -16.09 -30.86 26.11
C PRO D 23 -15.93 -32.23 25.46
N LYS D 24 -16.26 -32.31 24.18
CA LYS D 24 -16.16 -33.59 23.50
C LYS D 24 -14.71 -33.92 23.26
N TYR D 25 -13.83 -32.92 23.34
CA TYR D 25 -12.42 -33.19 23.17
C TYR D 25 -11.96 -33.92 24.41
N ASP D 26 -11.69 -35.21 24.26
CA ASP D 26 -11.31 -36.01 25.41
C ASP D 26 -9.79 -36.06 25.50
N TRP D 27 -9.12 -35.87 24.37
CA TRP D 27 -7.66 -35.76 24.37
C TRP D 27 -7.21 -34.77 23.29
N VAL D 28 -6.25 -33.93 23.61
CA VAL D 28 -5.80 -32.90 22.68
C VAL D 28 -4.29 -32.85 22.74
N GLY D 29 -3.62 -33.05 21.62
CA GLY D 29 -2.16 -33.06 21.63
C GLY D 29 -1.46 -32.58 20.37
N PHE D 30 -0.21 -32.13 20.53
CA PHE D 30 0.58 -31.64 19.40
C PHE D 30 1.71 -32.60 19.12
N TYR D 31 1.66 -33.30 18.00
CA TYR D 31 2.81 -34.11 17.59
C TYR D 31 3.59 -33.29 16.57
N VAL D 32 4.91 -33.27 16.74
CA VAL D 32 5.78 -32.54 15.86
C VAL D 32 6.70 -33.50 15.14
N LEU D 33 6.90 -33.28 13.85
CA LEU D 33 7.87 -34.06 13.09
C LEU D 33 9.28 -33.72 13.55
N GLU D 34 9.95 -34.71 14.13
CA GLU D 34 11.33 -34.54 14.55
C GLU D 34 12.11 -35.75 14.04
N HIS D 35 12.98 -35.52 13.05
CA HIS D 35 13.73 -36.57 12.38
C HIS D 35 12.80 -37.59 11.73
N GLY D 36 11.77 -37.11 11.03
CA GLY D 36 10.92 -38.01 10.28
C GLY D 36 9.98 -38.83 11.14
N LYS D 37 9.92 -38.49 12.43
CA LYS D 37 9.06 -39.18 13.37
C LYS D 37 8.10 -38.20 14.04
N LEU D 38 6.92 -38.68 14.42
CA LEU D 38 5.97 -37.82 15.13
C LEU D 38 6.19 -37.92 16.64
N LYS D 39 6.65 -36.84 17.26
CA LYS D 39 6.88 -36.84 18.71
C LYS D 39 5.95 -35.86 19.42
N LEU D 40 5.40 -36.33 20.54
CA LEU D 40 4.47 -35.57 21.32
C LEU D 40 5.22 -34.53 22.13
N GLU D 41 4.79 -33.27 22.05
CA GLU D 41 5.57 -32.24 22.70
C GLU D 41 4.72 -31.36 23.59
N ALA D 42 3.41 -31.60 23.55
CA ALA D 42 2.45 -30.94 24.43
C ALA D 42 1.10 -31.66 24.30
N PHE D 43 0.37 -31.80 25.42
CA PHE D 43 -0.96 -32.43 25.39
C PHE D 43 -1.82 -32.16 26.63
N VAL D 44 -3.11 -32.44 26.50
CA VAL D 44 -4.01 -32.36 27.64
C VAL D 44 -4.95 -33.57 27.63
N GLY D 45 -4.93 -34.33 28.71
CA GLY D 45 -5.75 -35.52 28.83
C GLY D 45 -4.97 -36.65 29.49
N GLU D 46 -5.43 -37.88 29.29
CA GLU D 46 -4.74 -39.06 29.80
C GLU D 46 -3.36 -39.20 29.13
N LYS D 47 -2.40 -39.81 29.81
CA LYS D 47 -1.10 -40.07 29.18
C LYS D 47 -1.29 -41.06 28.05
N THR D 48 -0.72 -40.77 26.88
CA THR D 48 -0.79 -41.74 25.79
C THR D 48 0.45 -42.64 25.83
N ASP D 49 0.26 -43.91 25.51
CA ASP D 49 1.39 -44.83 25.39
C ASP D 49 2.20 -44.49 24.15
N HIS D 50 1.64 -43.67 23.26
CA HIS D 50 2.34 -43.41 22.01
C HIS D 50 2.87 -41.99 21.92
N VAL D 51 3.99 -41.75 22.62
CA VAL D 51 4.61 -40.43 22.62
C VAL D 51 5.46 -40.25 21.37
N GLU D 52 5.82 -41.37 20.76
CA GLU D 52 6.52 -41.34 19.47
C GLU D 52 5.80 -42.26 18.50
N ILE D 53 5.56 -41.80 17.29
CA ILE D 53 4.79 -42.59 16.37
C ILE D 53 5.64 -42.89 15.15
N ASN D 54 5.70 -44.16 14.77
CA ASN D 54 6.44 -44.53 13.57
C ASN D 54 5.67 -44.06 12.37
N LEU D 55 6.32 -43.31 11.48
CA LEU D 55 5.60 -42.75 10.35
C LEU D 55 5.08 -43.95 9.57
N GLY D 56 3.76 -43.92 9.37
CA GLY D 56 3.03 -45.03 8.82
C GLY D 56 1.90 -45.44 9.74
N ASP D 57 2.18 -45.50 11.04
CA ASP D 57 1.16 -45.90 11.98
C ASP D 57 0.18 -44.79 12.31
N GLY D 58 -1.11 -45.14 12.36
CA GLY D 58 -2.12 -44.26 12.92
C GLY D 58 -2.60 -43.15 12.01
N LEU D 59 -3.75 -42.57 12.36
CA LEU D 59 -4.28 -41.43 11.65
C LEU D 59 -3.32 -40.28 11.82
N CYS D 60 -2.52 -40.36 12.87
CA CYS D 60 -1.48 -39.37 13.09
C CYS D 60 -0.53 -39.33 11.90
N SER D 61 -0.13 -40.50 11.39
CA SER D 61 0.79 -40.52 10.27
C SER D 61 0.08 -40.16 9.01
N LEU D 62 -1.18 -40.56 8.90
CA LEU D 62 -1.94 -40.32 7.68
C LEU D 62 -2.00 -38.82 7.38
N ALA D 63 -2.29 -38.04 8.41
CA ALA D 63 -2.48 -36.60 8.22
C ALA D 63 -1.25 -35.88 7.67
N VAL D 64 -0.05 -36.17 8.18
CA VAL D 64 1.12 -35.45 7.69
C VAL D 64 1.56 -36.01 6.37
N LEU D 65 1.31 -37.29 6.13
CA LEU D 65 1.74 -37.92 4.90
C LEU D 65 0.91 -37.47 3.70
N LYS D 66 -0.41 -37.31 3.87
CA LYS D 66 -1.24 -36.89 2.75
C LYS D 66 -1.45 -35.39 2.82
N ASN D 67 -0.83 -34.78 3.83
CA ASN D 67 -0.93 -33.35 4.05
C ASN D 67 -2.35 -32.79 3.97
N ASP D 68 -3.30 -33.42 4.67
CA ASP D 68 -4.67 -32.94 4.70
C ASP D 68 -5.37 -33.33 6.03
N ILE D 69 -6.42 -32.63 6.40
CA ILE D 69 -7.18 -32.96 7.61
C ILE D 69 -7.74 -34.38 7.55
N VAL D 70 -7.66 -35.10 8.66
CA VAL D 70 -8.37 -36.38 8.79
C VAL D 70 -9.44 -36.28 9.86
N ASN D 71 -10.70 -36.53 9.49
CA ASN D 71 -11.76 -36.51 10.50
C ASN D 71 -12.53 -37.82 10.51
N GLU D 72 -12.08 -38.75 11.32
CA GLU D 72 -12.70 -40.07 11.37
C GLU D 72 -13.81 -40.14 12.43
N TYR D 73 -15.02 -40.39 11.95
CA TYR D 73 -16.19 -40.35 12.81
C TYR D 73 -16.41 -41.71 13.46
N ASP D 74 -15.73 -42.72 12.91
CA ASP D 74 -15.80 -44.10 13.43
C ASP D 74 -14.44 -44.79 13.33
N VAL D 75 -13.64 -44.68 14.38
CA VAL D 75 -12.25 -45.13 14.30
C VAL D 75 -12.17 -46.62 13.99
N LYS D 76 -13.22 -47.34 14.36
CA LYS D 76 -13.24 -48.80 14.24
C LYS D 76 -13.34 -49.23 12.78
N SER D 77 -13.88 -48.36 11.93
CA SER D 77 -14.01 -48.69 10.51
C SER D 77 -12.83 -48.16 9.67
N ASN D 78 -11.75 -47.77 10.36
CA ASN D 78 -10.58 -47.25 9.67
C ASN D 78 -9.34 -48.07 9.93
N PRO D 79 -8.94 -48.86 8.94
CA PRO D 79 -7.76 -49.74 8.96
C PRO D 79 -6.47 -49.02 9.31
N LYS D 80 -6.44 -47.69 9.23
CA LYS D 80 -5.22 -46.97 9.55
C LYS D 80 -5.26 -46.39 10.95
N TYR D 81 -6.35 -46.62 11.67
CA TYR D 81 -6.46 -46.13 13.04
C TYR D 81 -5.46 -46.84 13.95
N LEU D 82 -4.90 -46.10 14.91
CA LEU D 82 -3.99 -46.65 15.93
C LEU D 82 -4.54 -46.34 17.31
N ALA D 83 -4.99 -47.36 18.03
CA ALA D 83 -5.63 -47.14 19.32
C ALA D 83 -4.64 -46.66 20.40
N CYS D 84 -4.85 -45.45 20.89
CA CYS D 84 -4.02 -44.91 21.95
C CYS D 84 -4.86 -44.84 23.20
N PHE D 85 -6.17 -44.96 23.02
CA PHE D 85 -7.12 -44.89 24.13
C PHE D 85 -8.28 -45.80 23.84
N PRO D 86 -8.70 -46.57 24.85
CA PRO D 86 -9.63 -47.69 24.66
C PRO D 86 -11.06 -47.24 24.44
N SER D 87 -11.30 -45.95 24.60
CA SER D 87 -12.66 -45.46 24.65
C SER D 87 -12.96 -44.51 23.50
N THR D 88 -11.94 -44.18 22.71
CA THR D 88 -12.14 -43.16 21.69
C THR D 88 -12.90 -43.72 20.50
N GLN D 89 -13.81 -42.92 19.95
CA GLN D 89 -14.62 -43.31 18.80
C GLN D 89 -14.43 -42.39 17.60
N SER D 90 -14.09 -41.14 17.87
CA SER D 90 -13.75 -40.18 16.83
C SER D 90 -12.35 -39.67 17.09
N GLU D 91 -11.57 -39.55 16.02
CA GLU D 91 -10.26 -38.92 16.08
C GLU D 91 -10.15 -37.94 14.93
N ILE D 92 -9.63 -36.74 15.21
CA ILE D 92 -9.38 -35.77 14.16
C ILE D 92 -7.91 -35.39 14.17
N VAL D 93 -7.28 -35.40 13.02
CA VAL D 93 -5.88 -35.00 12.98
C VAL D 93 -5.78 -33.85 11.99
N VAL D 94 -5.25 -32.72 12.46
CA VAL D 94 -5.17 -31.53 11.64
C VAL D 94 -3.71 -31.15 11.47
N PRO D 95 -3.25 -31.07 10.21
CA PRO D 95 -1.84 -30.83 9.91
C PRO D 95 -1.39 -29.44 10.28
N VAL D 96 -0.18 -29.34 10.83
CA VAL D 96 0.42 -28.04 11.11
C VAL D 96 1.49 -27.74 10.07
N ARG D 97 1.23 -26.70 9.27
CA ARG D 97 2.06 -26.40 8.12
C ARG D 97 2.88 -25.13 8.32
N TYR D 98 4.17 -25.24 8.09
CA TYR D 98 5.07 -24.11 8.13
C TYR D 98 5.67 -23.88 6.74
N GLN D 99 5.32 -22.74 6.14
CA GLN D 99 5.75 -22.45 4.77
C GLN D 99 5.36 -23.64 3.87
N GLY D 100 4.07 -23.95 3.87
CA GLY D 100 3.51 -24.95 2.98
C GLY D 100 3.69 -26.41 3.33
N GLU D 101 4.90 -26.78 3.78
CA GLU D 101 5.19 -28.18 4.10
C GLU D 101 4.80 -28.48 5.56
N PRO D 102 4.22 -29.67 5.79
CA PRO D 102 3.78 -30.14 7.10
C PRO D 102 4.93 -30.41 8.07
N ILE D 103 4.83 -29.88 9.28
CA ILE D 103 5.89 -29.97 10.28
C ILE D 103 5.42 -30.61 11.58
N GLY D 104 4.14 -30.96 11.62
CA GLY D 104 3.52 -31.50 12.81
C GLY D 104 2.01 -31.50 12.63
N GLU D 105 1.29 -31.72 13.74
CA GLU D 105 -0.16 -31.86 13.69
C GLU D 105 -0.81 -31.64 15.03
N ILE D 106 -2.07 -31.22 15.00
CA ILE D 106 -2.90 -31.30 16.19
C ILE D 106 -3.71 -32.59 16.14
N ASP D 107 -3.62 -33.40 17.18
CA ASP D 107 -4.35 -34.66 17.28
C ASP D 107 -5.37 -34.57 18.41
N ILE D 108 -6.63 -34.87 18.12
CA ILE D 108 -7.67 -34.76 19.14
C ILE D 108 -8.59 -35.98 19.10
N ASP D 109 -8.68 -36.67 20.23
CA ASP D 109 -9.54 -37.84 20.34
C ASP D 109 -10.81 -37.49 21.10
N SER D 110 -11.88 -38.18 20.74
CA SER D 110 -13.15 -38.02 21.43
C SER D 110 -13.75 -39.39 21.63
N ASP D 111 -14.34 -39.61 22.81
CA ASP D 111 -14.98 -40.90 23.09
C ASP D 111 -16.31 -41.00 22.36
N LYS D 112 -16.85 -39.83 22.00
CA LYS D 112 -18.09 -39.72 21.27
C LYS D 112 -17.90 -40.12 19.79
N LYS D 113 -18.86 -40.87 19.26
CA LYS D 113 -18.87 -41.24 17.84
C LYS D 113 -19.28 -40.03 17.01
N ALA D 114 -18.69 -39.88 15.83
CA ALA D 114 -18.96 -38.71 14.97
C ALA D 114 -18.85 -37.40 15.75
N ALA D 115 -17.79 -37.25 16.52
CA ALA D 115 -17.64 -36.11 17.40
C ALA D 115 -17.38 -34.82 16.65
N PHE D 116 -16.68 -34.88 15.53
CA PHE D 116 -16.15 -33.65 14.94
C PHE D 116 -16.88 -33.16 13.67
N SER D 117 -17.31 -31.90 13.70
CA SER D 117 -18.08 -31.31 12.60
C SER D 117 -17.22 -30.42 11.69
N LYS D 118 -17.80 -29.91 10.61
CA LYS D 118 -17.05 -29.06 9.70
C LYS D 118 -16.62 -27.78 10.40
N GLU D 119 -17.40 -27.38 11.40
CA GLU D 119 -17.05 -26.24 12.22
C GLU D 119 -15.78 -26.54 12.98
N ASP D 120 -15.73 -27.71 13.61
CA ASP D 120 -14.51 -28.17 14.28
C ASP D 120 -13.34 -28.16 13.30
N GLU D 121 -13.52 -28.79 12.13
CA GLU D 121 -12.49 -28.86 11.09
C GLU D 121 -12.00 -27.47 10.69
N ALA D 122 -12.95 -26.54 10.54
CA ALA D 122 -12.62 -25.19 10.12
C ALA D 122 -11.75 -24.49 11.16
N MET D 123 -12.26 -24.46 12.39
CA MET D 123 -11.61 -23.79 13.49
C MET D 123 -10.23 -24.34 13.73
N LEU D 124 -10.15 -25.67 13.78
CA LEU D 124 -8.89 -26.33 14.12
C LEU D 124 -7.85 -26.00 13.06
N SER D 125 -8.27 -25.92 11.80
CA SER D 125 -7.32 -25.59 10.73
C SER D 125 -6.78 -24.17 10.91
N SER D 126 -7.66 -23.25 11.29
CA SER D 126 -7.27 -21.88 11.52
C SER D 126 -6.25 -21.86 12.63
N ILE D 127 -6.55 -22.61 13.69
CA ILE D 127 -5.71 -22.61 14.88
C ILE D 127 -4.34 -23.22 14.61
N ALA D 128 -4.33 -24.29 13.83
CA ALA D 128 -3.07 -24.93 13.45
C ALA D 128 -2.18 -23.91 12.77
N ASP D 129 -2.77 -23.03 11.97
CA ASP D 129 -2.00 -22.02 11.26
C ASP D 129 -1.40 -21.01 12.18
N LEU D 130 -2.24 -20.55 13.10
CA LEU D 130 -1.85 -19.58 14.06
C LEU D 130 -0.66 -20.08 14.85
N MET D 131 -0.61 -21.39 15.02
CA MET D 131 0.37 -21.97 15.93
C MET D 131 1.64 -22.42 15.24
N ALA D 132 1.58 -22.48 13.92
CA ALA D 132 2.66 -23.05 13.12
C ALA D 132 4.07 -22.53 13.49
N PRO D 133 4.22 -21.23 13.73
CA PRO D 133 5.59 -20.83 14.05
C PRO D 133 6.04 -21.40 15.38
N LEU D 134 5.11 -21.46 16.32
CA LEU D 134 5.42 -21.96 17.65
C LEU D 134 5.76 -23.43 17.58
N VAL D 135 4.92 -24.20 16.87
CA VAL D 135 5.20 -25.62 16.70
C VAL D 135 6.55 -25.81 16.07
N HIS D 136 6.82 -24.97 15.08
CA HIS D 136 8.03 -25.02 14.29
C HIS D 136 9.30 -25.02 15.16
N GLU D 137 9.23 -24.45 16.36
CA GLU D 137 10.40 -24.44 17.22
C GLU D 137 10.86 -25.85 17.58
N PHE D 138 9.97 -26.84 17.43
CA PHE D 138 10.33 -28.22 17.74
C PHE D 138 10.58 -29.08 16.49
N PHE D 139 10.44 -28.46 15.33
CA PHE D 139 10.60 -29.20 14.08
C PHE D 139 12.06 -29.51 13.80
N VAL D 140 12.34 -30.69 13.26
CA VAL D 140 13.68 -31.10 12.83
C VAL D 140 13.57 -31.98 11.59
N LYS D 141 14.37 -31.71 10.57
CA LYS D 141 14.24 -32.53 9.37
C LYS D 141 15.37 -33.57 9.43
N LEU D 142 15.54 -34.40 8.41
CA LEU D 142 16.51 -35.50 8.58
C LEU D 142 17.60 -35.55 7.49
N ASP E 2 7.10 -51.00 -36.58
CA ASP E 2 5.77 -51.18 -35.99
C ASP E 2 5.49 -50.16 -34.89
N LEU E 3 4.30 -49.56 -34.91
CA LEU E 3 3.89 -48.61 -33.88
C LEU E 3 3.75 -49.22 -32.50
N LYS E 4 3.05 -50.36 -32.42
CA LYS E 4 2.93 -51.07 -31.15
C LYS E 4 4.28 -51.46 -30.58
N GLU E 5 5.12 -52.07 -31.41
CA GLU E 5 6.42 -52.50 -30.98
C GLU E 5 7.28 -51.33 -30.54
N PHE E 6 7.24 -50.25 -31.33
CA PHE E 6 7.99 -49.07 -30.98
C PHE E 6 7.51 -48.54 -29.66
N ALA E 7 6.19 -48.51 -29.51
CA ALA E 7 5.59 -48.03 -28.29
C ALA E 7 6.07 -48.85 -27.12
N ARG E 8 6.08 -50.17 -27.28
CA ARG E 8 6.58 -51.03 -26.22
C ARG E 8 8.05 -50.70 -25.94
N SER E 9 8.84 -50.54 -27.00
CA SER E 9 10.22 -50.11 -26.84
C SER E 9 10.31 -48.88 -25.94
N GLN E 10 9.49 -47.88 -26.21
CA GLN E 10 9.52 -46.65 -25.42
C GLN E 10 9.13 -46.88 -23.99
N MET E 11 8.07 -47.67 -23.79
CA MET E 11 7.57 -47.90 -22.44
C MET E 11 8.55 -48.71 -21.62
N GLN E 12 9.19 -49.67 -22.29
CA GLN E 12 10.17 -50.50 -21.59
C GLN E 12 11.30 -49.60 -21.16
N ALA E 13 11.73 -48.73 -22.06
CA ALA E 13 12.81 -47.81 -21.79
C ALA E 13 12.45 -46.87 -20.65
N ALA E 14 11.18 -46.51 -20.57
CA ALA E 14 10.74 -45.63 -19.51
C ALA E 14 10.83 -46.33 -18.17
N CYS E 15 10.33 -47.57 -18.14
CA CYS E 15 10.40 -48.41 -16.95
C CYS E 15 11.83 -48.52 -16.43
N GLN E 16 12.75 -48.68 -17.38
CA GLN E 16 14.16 -48.85 -17.07
C GLN E 16 14.73 -47.61 -16.42
N TYR E 17 14.63 -46.48 -17.13
CA TYR E 17 15.13 -45.22 -16.62
C TYR E 17 14.57 -44.97 -15.24
N LEU E 18 13.29 -45.24 -15.06
CA LEU E 18 12.67 -45.06 -13.75
C LEU E 18 13.29 -45.92 -12.67
N LYS E 19 13.44 -47.22 -12.98
CA LYS E 19 13.98 -48.21 -12.04
C LYS E 19 15.41 -47.86 -11.64
N GLU E 20 16.17 -47.28 -12.59
CA GLU E 20 17.57 -46.92 -12.37
C GLU E 20 17.73 -45.68 -11.51
N LYS E 21 17.00 -44.64 -11.87
CA LYS E 21 17.24 -43.35 -11.25
C LYS E 21 16.69 -43.36 -9.84
N ASN E 22 15.80 -44.30 -9.56
CA ASN E 22 15.14 -44.37 -8.25
C ASN E 22 15.26 -45.77 -7.64
N PRO E 23 16.18 -45.92 -6.70
CA PRO E 23 16.51 -47.25 -6.19
C PRO E 23 15.40 -47.87 -5.34
N LYS E 24 14.53 -47.02 -4.80
CA LYS E 24 13.43 -47.53 -3.98
C LYS E 24 12.38 -48.20 -4.86
N TYR E 25 12.38 -47.90 -6.15
CA TYR E 25 11.45 -48.55 -7.06
C TYR E 25 11.89 -49.99 -7.24
N ASP E 26 11.13 -50.91 -6.67
CA ASP E 26 11.50 -52.31 -6.74
C ASP E 26 10.79 -52.96 -7.92
N TRP E 27 9.66 -52.39 -8.31
CA TRP E 27 8.95 -52.85 -9.50
C TRP E 27 8.28 -51.67 -10.20
N VAL E 28 8.38 -51.64 -11.52
CA VAL E 28 7.87 -50.53 -12.32
C VAL E 28 7.20 -51.11 -13.55
N GLY E 29 5.92 -50.82 -13.74
CA GLY E 29 5.21 -51.38 -14.88
C GLY E 29 4.09 -50.55 -15.48
N PHE E 30 3.77 -50.81 -16.76
CA PHE E 30 2.69 -50.09 -17.44
C PHE E 30 1.52 -51.00 -17.67
N TYR E 31 0.40 -50.75 -16.99
CA TYR E 31 -0.81 -51.48 -17.31
C TYR E 31 -1.68 -50.60 -18.23
N VAL E 32 -2.21 -51.21 -19.29
CA VAL E 32 -3.03 -50.49 -20.24
C VAL E 32 -4.43 -51.08 -20.27
N LEU E 33 -5.44 -50.22 -20.28
CA LEU E 33 -6.82 -50.65 -20.42
C LEU E 33 -7.05 -51.22 -21.81
N GLU E 34 -7.33 -52.51 -21.87
CA GLU E 34 -7.64 -53.17 -23.12
C GLU E 34 -8.89 -54.00 -22.88
N HIS E 35 -10.00 -53.56 -23.49
CA HIS E 35 -11.30 -54.17 -23.29
C HIS E 35 -11.72 -54.12 -21.83
N GLY E 36 -11.54 -52.97 -21.19
CA GLY E 36 -12.04 -52.80 -19.83
C GLY E 36 -11.23 -53.55 -18.79
N LYS E 37 -10.10 -54.09 -19.20
CA LYS E 37 -9.21 -54.81 -18.29
C LYS E 37 -7.82 -54.22 -18.29
N LEU E 38 -7.13 -54.35 -17.16
CA LEU E 38 -5.76 -53.86 -17.06
C LEU E 38 -4.77 -54.92 -17.47
N LYS E 39 -4.08 -54.70 -18.60
CA LYS E 39 -3.07 -55.64 -19.05
C LYS E 39 -1.69 -55.00 -19.02
N LEU E 40 -0.74 -55.79 -18.54
CA LEU E 40 0.63 -55.35 -18.42
C LEU E 40 1.28 -55.40 -19.78
N GLU E 41 1.95 -54.33 -20.20
CA GLU E 41 2.48 -54.33 -21.56
C GLU E 41 3.94 -53.96 -21.60
N ALA E 42 4.46 -53.63 -20.42
CA ALA E 42 5.86 -53.31 -20.23
C ALA E 42 6.16 -53.26 -18.72
N PHE E 43 7.33 -53.75 -18.31
CA PHE E 43 7.72 -53.68 -16.89
C PHE E 43 9.19 -53.92 -16.65
N VAL E 44 9.67 -53.54 -15.46
CA VAL E 44 11.03 -53.86 -15.07
C VAL E 44 11.02 -54.31 -13.60
N GLY E 45 11.52 -55.51 -13.37
CA GLY E 45 11.55 -56.09 -12.04
C GLY E 45 11.21 -57.57 -12.09
N GLU E 46 10.82 -58.12 -10.94
CA GLU E 46 10.40 -59.53 -10.85
C GLU E 46 9.12 -59.74 -11.67
N LYS E 47 8.91 -60.95 -12.19
CA LYS E 47 7.66 -61.23 -12.91
C LYS E 47 6.47 -61.17 -11.96
N THR E 48 5.41 -60.47 -12.37
CA THR E 48 4.21 -60.44 -11.53
C THR E 48 3.28 -61.58 -11.97
N ASP E 49 2.61 -62.20 -11.00
CA ASP E 49 1.60 -63.22 -11.30
C ASP E 49 0.39 -62.56 -11.92
N HIS E 50 0.30 -61.23 -11.80
CA HIS E 50 -0.89 -60.56 -12.26
C HIS E 50 -0.63 -59.70 -13.48
N VAL E 51 -0.52 -60.35 -14.62
CA VAL E 51 -0.23 -59.67 -15.87
C VAL E 51 -1.51 -59.07 -16.44
N GLU E 52 -2.64 -59.62 -16.00
CA GLU E 52 -3.94 -59.10 -16.38
C GLU E 52 -4.74 -58.90 -15.10
N ILE E 53 -5.40 -57.76 -14.96
CA ILE E 53 -6.08 -57.47 -13.71
C ILE E 53 -7.55 -57.27 -13.93
N ASN E 54 -8.36 -57.96 -13.15
CA ASN E 54 -9.81 -57.82 -13.23
C ASN E 54 -10.19 -56.50 -12.64
N LEU E 55 -10.87 -55.68 -13.42
CA LEU E 55 -11.15 -54.32 -12.97
C LEU E 55 -11.98 -54.37 -11.69
N GLY E 56 -11.46 -53.72 -10.66
CA GLY E 56 -12.00 -53.81 -9.32
C GLY E 56 -10.92 -54.23 -8.35
N ASP E 57 -10.10 -55.18 -8.76
CA ASP E 57 -9.05 -55.67 -7.88
C ASP E 57 -7.86 -54.74 -7.82
N GLY E 58 -7.33 -54.53 -6.61
CA GLY E 58 -6.05 -53.87 -6.46
C GLY E 58 -6.06 -52.36 -6.54
N LEU E 59 -4.97 -51.77 -6.05
CA LEU E 59 -4.76 -50.35 -6.16
C LEU E 59 -4.62 -50.01 -7.63
N CYS E 60 -4.27 -51.00 -8.43
CA CYS E 60 -4.21 -50.83 -9.86
C CYS E 60 -5.57 -50.40 -10.40
N SER E 61 -6.64 -51.05 -9.95
CA SER E 61 -7.96 -50.71 -10.44
C SER E 61 -8.46 -49.44 -9.83
N LEU E 62 -8.09 -49.21 -8.57
CA LEU E 62 -8.55 -48.03 -7.86
C LEU E 62 -8.15 -46.78 -8.63
N ALA E 63 -6.90 -46.75 -9.06
CA ALA E 63 -6.35 -45.58 -9.71
C ALA E 63 -7.09 -45.21 -10.99
N VAL E 64 -7.44 -46.19 -11.83
CA VAL E 64 -8.13 -45.85 -13.08
C VAL E 64 -9.60 -45.58 -12.87
N LEU E 65 -10.19 -46.23 -11.87
CA LEU E 65 -11.63 -46.06 -11.63
C LEU E 65 -11.95 -44.69 -11.06
N LYS E 66 -11.12 -44.19 -10.15
CA LYS E 66 -11.39 -42.89 -9.56
C LYS E 66 -10.58 -41.81 -10.26
N ASN E 67 -9.85 -42.24 -11.28
CA ASN E 67 -9.01 -41.35 -12.07
C ASN E 67 -8.11 -40.42 -11.24
N ASP E 68 -7.38 -40.96 -10.30
CA ASP E 68 -6.47 -40.15 -9.52
C ASP E 68 -5.25 -40.96 -9.01
N ILE E 69 -4.18 -40.26 -8.66
CA ILE E 69 -3.01 -40.92 -8.10
C ILE E 69 -3.38 -41.69 -6.84
N VAL E 70 -2.88 -42.90 -6.72
CA VAL E 70 -2.97 -43.62 -5.45
C VAL E 70 -1.57 -43.83 -4.89
N ASN E 71 -1.32 -43.28 -3.70
CA ASN E 71 -0.03 -43.48 -3.07
C ASN E 71 -0.14 -44.07 -1.68
N GLU E 72 -0.12 -45.39 -1.64
CA GLU E 72 -0.29 -46.12 -0.40
C GLU E 72 1.05 -46.40 0.26
N TYR E 73 1.24 -45.84 1.44
CA TYR E 73 2.52 -45.93 2.12
C TYR E 73 2.58 -47.19 2.98
N ASP E 74 1.42 -47.79 3.20
CA ASP E 74 1.32 -49.01 4.01
C ASP E 74 0.27 -49.94 3.41
N VAL E 75 0.72 -50.81 2.49
CA VAL E 75 -0.23 -51.58 1.70
C VAL E 75 -1.12 -52.48 2.55
N LYS E 76 -0.63 -52.86 3.73
CA LYS E 76 -1.35 -53.80 4.57
C LYS E 76 -2.58 -53.17 5.22
N SER E 77 -2.58 -51.85 5.33
CA SER E 77 -3.72 -51.13 5.91
C SER E 77 -4.71 -50.68 4.84
N ASN E 78 -4.55 -51.20 3.62
CA ASN E 78 -5.45 -50.86 2.53
C ASN E 78 -6.19 -52.05 2.00
N PRO E 79 -7.46 -52.16 2.37
CA PRO E 79 -8.40 -53.23 1.99
C PRO E 79 -8.50 -53.44 0.50
N LYS E 80 -8.04 -52.48 -0.30
CA LYS E 80 -8.12 -52.62 -1.74
C LYS E 80 -6.78 -53.07 -2.32
N TYR E 81 -5.78 -53.28 -1.48
CA TYR E 81 -4.48 -53.72 -1.95
C TYR E 81 -4.55 -55.12 -2.52
N LEU E 82 -3.82 -55.36 -3.61
CA LEU E 82 -3.71 -56.68 -4.21
C LEU E 82 -2.24 -57.07 -4.30
N ALA E 83 -1.83 -58.03 -3.48
CA ALA E 83 -0.41 -58.42 -3.36
C ALA E 83 0.10 -59.18 -4.60
N CYS E 84 1.07 -58.58 -5.28
CA CYS E 84 1.67 -59.20 -6.45
C CYS E 84 3.07 -59.61 -6.07
N PHE E 85 3.54 -59.09 -4.93
CA PHE E 85 4.88 -59.36 -4.46
C PHE E 85 4.86 -59.37 -2.95
N PRO E 86 5.50 -60.39 -2.36
CA PRO E 86 5.32 -60.69 -0.93
C PRO E 86 6.04 -59.71 -0.02
N SER E 87 6.83 -58.84 -0.63
CA SER E 87 7.76 -58.05 0.14
C SER E 87 7.46 -56.56 0.04
N THR E 88 6.50 -56.19 -0.80
CA THR E 88 6.26 -54.77 -1.05
C THR E 88 5.50 -54.13 0.12
N GLN E 89 5.86 -52.90 0.44
CA GLN E 89 5.20 -52.18 1.52
C GLN E 89 4.51 -50.89 1.05
N SER E 90 5.05 -50.28 0.00
CA SER E 90 4.46 -49.11 -0.61
C SER E 90 4.19 -49.42 -2.07
N GLU E 91 3.02 -49.00 -2.54
CA GLU E 91 2.67 -49.07 -3.95
C GLU E 91 2.12 -47.72 -4.36
N ILE E 92 2.55 -47.20 -5.51
CA ILE E 92 1.97 -45.97 -6.02
C ILE E 92 1.45 -46.28 -7.41
N VAL E 93 0.22 -45.86 -7.68
CA VAL E 93 -0.36 -46.10 -9.00
C VAL E 93 -0.73 -44.74 -9.57
N VAL E 94 -0.18 -44.41 -10.72
CA VAL E 94 -0.40 -43.10 -11.31
C VAL E 94 -1.09 -43.30 -12.64
N PRO E 95 -2.28 -42.68 -12.78
CA PRO E 95 -3.10 -42.87 -13.99
C PRO E 95 -2.49 -42.20 -15.20
N VAL E 96 -2.60 -42.88 -16.34
CA VAL E 96 -2.17 -42.32 -17.62
C VAL E 96 -3.39 -41.86 -18.41
N ARG E 97 -3.46 -40.55 -18.63
CA ARG E 97 -4.65 -39.95 -19.20
C ARG E 97 -4.39 -39.50 -20.63
N TYR E 98 -5.24 -39.95 -21.54
CA TYR E 98 -5.21 -39.53 -22.94
C TYR E 98 -6.49 -38.78 -23.32
N GLN E 99 -6.35 -37.49 -23.59
CA GLN E 99 -7.49 -36.65 -23.85
C GLN E 99 -8.45 -36.84 -22.69
N GLY E 100 -7.94 -36.59 -21.49
CA GLY E 100 -8.73 -36.54 -20.28
C GLY E 100 -9.17 -37.85 -19.65
N GLU E 101 -9.59 -38.81 -20.47
CA GLU E 101 -10.08 -40.08 -19.95
C GLU E 101 -8.87 -41.03 -19.75
N PRO E 102 -8.90 -41.82 -18.67
CA PRO E 102 -7.84 -42.78 -18.31
C PRO E 102 -7.76 -43.98 -19.27
N ILE E 103 -6.54 -44.28 -19.72
CA ILE E 103 -6.32 -45.34 -20.70
C ILE E 103 -5.33 -46.40 -20.20
N GLY E 104 -4.79 -46.17 -19.01
CA GLY E 104 -3.78 -47.04 -18.45
C GLY E 104 -3.17 -46.35 -17.25
N GLU E 105 -2.04 -46.88 -16.76
CA GLU E 105 -1.44 -46.38 -15.54
C GLU E 105 0.02 -46.80 -15.43
N ILE E 106 0.79 -46.03 -14.68
CA ILE E 106 2.09 -46.50 -14.21
C ILE E 106 1.93 -47.08 -12.80
N ASP E 107 2.36 -48.32 -12.62
CA ASP E 107 2.27 -48.99 -11.32
C ASP E 107 3.68 -49.23 -10.80
N ILE E 108 3.95 -48.81 -9.57
CA ILE E 108 5.30 -48.97 -9.03
C ILE E 108 5.23 -49.46 -7.58
N ASP E 109 5.88 -50.59 -7.32
CA ASP E 109 5.91 -51.18 -6.00
C ASP E 109 7.26 -50.90 -5.35
N SER E 110 7.25 -50.79 -4.03
CA SER E 110 8.49 -50.65 -3.28
C SER E 110 8.39 -51.50 -2.04
N ASP E 111 9.49 -52.16 -1.69
CA ASP E 111 9.55 -52.98 -0.48
C ASP E 111 9.65 -52.07 0.75
N LYS E 112 10.11 -50.84 0.53
CA LYS E 112 10.20 -49.83 1.57
C LYS E 112 8.84 -49.25 1.94
N LYS E 113 8.60 -49.07 3.23
CA LYS E 113 7.38 -48.43 3.75
C LYS E 113 7.46 -46.93 3.50
N ALA E 114 6.30 -46.31 3.21
CA ALA E 114 6.25 -44.86 2.91
C ALA E 114 7.31 -44.46 1.88
N ALA E 115 7.41 -45.24 0.81
CA ALA E 115 8.47 -45.08 -0.16
C ALA E 115 8.28 -43.83 -1.00
N PHE E 116 7.03 -43.45 -1.26
CA PHE E 116 6.79 -42.44 -2.29
C PHE E 116 6.39 -41.07 -1.73
N SER E 117 7.09 -40.02 -2.16
CA SER E 117 6.88 -38.64 -1.70
C SER E 117 6.10 -37.79 -2.71
N LYS E 118 5.76 -36.54 -2.34
CA LYS E 118 5.03 -35.67 -3.26
C LYS E 118 5.88 -35.37 -4.47
N GLU E 119 7.20 -35.44 -4.27
CA GLU E 119 8.14 -35.27 -5.35
C GLU E 119 7.95 -36.39 -6.33
N ASP E 120 7.92 -37.62 -5.84
CA ASP E 120 7.61 -38.80 -6.66
C ASP E 120 6.28 -38.61 -7.40
N GLU E 121 5.23 -38.28 -6.64
CA GLU E 121 3.90 -38.04 -7.19
C GLU E 121 3.91 -36.99 -8.31
N ALA E 122 4.65 -35.91 -8.11
CA ALA E 122 4.71 -34.87 -9.13
C ALA E 122 5.34 -35.40 -10.40
N MET E 123 6.54 -35.96 -10.24
CA MET E 123 7.30 -36.41 -11.38
C MET E 123 6.58 -37.52 -12.17
N LEU E 124 6.05 -38.51 -11.44
CA LEU E 124 5.43 -39.66 -12.10
C LEU E 124 4.24 -39.17 -12.91
N SER E 125 3.52 -38.19 -12.37
CA SER E 125 2.38 -37.62 -13.09
C SER E 125 2.83 -36.91 -14.35
N SER E 126 3.93 -36.15 -14.25
CA SER E 126 4.45 -35.45 -15.40
C SER E 126 4.80 -36.48 -16.45
N ILE E 127 5.42 -37.56 -15.99
CA ILE E 127 5.87 -38.62 -16.88
C ILE E 127 4.71 -39.38 -17.52
N ALA E 128 3.67 -39.65 -16.74
CA ALA E 128 2.50 -40.33 -17.30
C ALA E 128 1.96 -39.54 -18.48
N ASP E 129 2.00 -38.21 -18.36
CA ASP E 129 1.50 -37.36 -19.43
C ASP E 129 2.35 -37.46 -20.67
N LEU E 130 3.65 -37.39 -20.48
CA LEU E 130 4.61 -37.43 -21.56
C LEU E 130 4.43 -38.70 -22.37
N MET E 131 4.03 -39.75 -21.68
CA MET E 131 3.97 -41.09 -22.26
C MET E 131 2.62 -41.47 -22.83
N ALA E 132 1.62 -40.67 -22.48
CA ALA E 132 0.24 -40.98 -22.80
C ALA E 132 0.00 -41.38 -24.26
N PRO E 133 0.59 -40.64 -25.23
CA PRO E 133 0.31 -41.07 -26.60
C PRO E 133 0.91 -42.42 -26.88
N LEU E 134 2.08 -42.66 -26.30
CA LEU E 134 2.75 -43.92 -26.52
C LEU E 134 1.94 -45.05 -25.93
N VAL E 135 1.51 -44.87 -24.68
CA VAL E 135 0.68 -45.89 -24.02
C VAL E 135 -0.57 -46.17 -24.81
N HIS E 136 -1.16 -45.09 -25.30
CA HIS E 136 -2.40 -45.10 -26.06
C HIS E 136 -2.36 -46.08 -27.23
N GLU E 137 -1.17 -46.38 -27.75
CA GLU E 137 -1.07 -47.34 -28.84
C GLU E 137 -1.58 -48.72 -28.41
N PHE E 138 -1.67 -48.99 -27.11
CA PHE E 138 -2.18 -50.27 -26.62
C PHE E 138 -3.61 -50.20 -26.07
N PHE E 139 -4.20 -49.01 -26.10
CA PHE E 139 -5.53 -48.82 -25.53
C PHE E 139 -6.63 -49.45 -26.38
N VAL E 140 -7.65 -50.02 -25.73
CA VAL E 140 -8.85 -50.56 -26.39
C VAL E 140 -10.09 -50.35 -25.53
N LYS E 141 -11.17 -49.86 -26.12
CA LYS E 141 -12.38 -49.57 -25.35
C LYS E 141 -13.39 -50.70 -25.60
N LEU E 142 -14.68 -50.44 -25.36
CA LEU E 142 -15.70 -51.50 -25.39
C LEU E 142 -16.76 -51.33 -26.48
N ASP F 2 4.85 9.23 -9.18
CA ASP F 2 5.60 8.62 -10.29
C ASP F 2 6.88 9.37 -10.71
N LEU F 3 7.98 8.62 -10.81
CA LEU F 3 9.27 9.17 -11.21
C LEU F 3 9.32 9.69 -12.64
N LYS F 4 8.85 8.88 -13.57
CA LYS F 4 8.78 9.30 -14.98
C LYS F 4 7.92 10.55 -15.16
N GLU F 5 6.74 10.57 -14.56
CA GLU F 5 5.85 11.70 -14.69
C GLU F 5 6.52 12.98 -14.19
N PHE F 6 7.17 12.87 -13.03
CA PHE F 6 7.91 14.00 -12.50
C PHE F 6 9.02 14.41 -13.45
N ALA F 7 9.72 13.40 -13.97
CA ALA F 7 10.81 13.64 -14.87
C ALA F 7 10.33 14.41 -16.10
N ARG F 8 9.18 13.99 -16.63
CA ARG F 8 8.58 14.63 -17.78
C ARG F 8 8.27 16.09 -17.42
N SER F 9 7.70 16.29 -16.23
CA SER F 9 7.43 17.60 -15.69
C SER F 9 8.68 18.49 -15.74
N GLN F 10 9.80 17.99 -15.25
CA GLN F 10 11.03 18.78 -15.22
C GLN F 10 11.51 19.09 -16.63
N MET F 11 11.43 18.08 -17.50
CA MET F 11 11.94 18.21 -18.84
C MET F 11 11.12 19.22 -19.60
N GLN F 12 9.81 19.16 -19.40
CA GLN F 12 8.91 20.09 -20.05
C GLN F 12 9.25 21.49 -19.58
N ALA F 13 9.43 21.63 -18.28
CA ALA F 13 9.74 22.92 -17.68
C ALA F 13 11.01 23.47 -18.23
N ALA F 14 11.94 22.58 -18.52
CA ALA F 14 13.21 22.98 -19.08
C ALA F 14 13.02 23.56 -20.48
N CYS F 15 12.26 22.84 -21.30
CA CYS F 15 11.93 23.29 -22.64
C CYS F 15 11.34 24.69 -22.62
N GLN F 16 10.48 24.92 -21.63
CA GLN F 16 9.79 26.19 -21.47
C GLN F 16 10.74 27.33 -21.19
N TYR F 17 11.50 27.21 -20.11
CA TYR F 17 12.47 28.21 -19.73
C TYR F 17 13.38 28.54 -20.89
N LEU F 18 13.79 27.51 -21.62
CA LEU F 18 14.66 27.69 -22.77
C LEU F 18 13.99 28.52 -23.84
N LYS F 19 12.77 28.12 -24.18
CA LYS F 19 11.99 28.76 -25.22
C LYS F 19 11.70 30.23 -24.87
N GLU F 20 11.55 30.50 -23.58
CA GLU F 20 11.28 31.87 -23.10
C GLU F 20 12.53 32.75 -23.15
N LYS F 21 13.61 32.25 -22.57
CA LYS F 21 14.78 33.10 -22.41
C LYS F 21 15.45 33.32 -23.76
N ASN F 22 15.17 32.45 -24.72
CA ASN F 22 15.82 32.54 -26.01
C ASN F 22 14.82 32.56 -27.16
N PRO F 23 14.59 33.76 -27.71
CA PRO F 23 13.50 33.92 -28.68
C PRO F 23 13.82 33.27 -30.02
N LYS F 24 15.11 33.08 -30.30
CA LYS F 24 15.49 32.47 -31.56
C LYS F 24 15.17 30.98 -31.54
N TYR F 25 14.96 30.43 -30.34
CA TYR F 25 14.56 29.04 -30.25
C TYR F 25 13.11 28.95 -30.71
N ASP F 26 12.90 28.35 -31.87
CA ASP F 26 11.55 28.27 -32.40
C ASP F 26 10.97 26.93 -31.99
N TRP F 27 11.83 25.94 -31.77
CA TRP F 27 11.41 24.64 -31.27
C TRP F 27 12.46 24.04 -30.34
N VAL F 28 12.01 23.46 -29.23
CA VAL F 28 12.90 22.91 -28.23
C VAL F 28 12.36 21.58 -27.78
N GLY F 29 13.16 20.52 -27.90
CA GLY F 29 12.69 19.20 -27.52
C GLY F 29 13.73 18.22 -26.97
N PHE F 30 13.25 17.25 -26.19
CA PHE F 30 14.11 16.23 -25.61
C PHE F 30 13.85 14.90 -26.25
N TYR F 31 14.79 14.37 -27.02
CA TYR F 31 14.62 13.00 -27.52
C TYR F 31 15.42 12.05 -26.62
N VAL F 32 14.82 10.93 -26.25
CA VAL F 32 15.50 10.00 -25.37
C VAL F 32 15.68 8.67 -26.09
N LEU F 33 16.87 8.09 -25.96
CA LEU F 33 17.12 6.76 -26.51
C LEU F 33 16.32 5.73 -25.76
N GLU F 34 15.37 5.11 -26.46
CA GLU F 34 14.56 4.06 -25.88
C GLU F 34 14.55 2.91 -26.88
N HIS F 35 15.22 1.81 -26.53
CA HIS F 35 15.38 0.65 -27.40
C HIS F 35 16.07 1.00 -28.71
N GLY F 36 17.15 1.77 -28.65
CA GLY F 36 17.91 2.05 -29.86
C GLY F 36 17.25 3.05 -30.80
N LYS F 37 16.18 3.68 -30.33
CA LYS F 37 15.48 4.70 -31.12
C LYS F 37 15.37 6.03 -30.38
N LEU F 38 15.32 7.12 -31.15
CA LEU F 38 15.12 8.44 -30.56
C LEU F 38 13.63 8.75 -30.45
N LYS F 39 13.12 8.86 -29.21
CA LYS F 39 11.72 9.19 -28.99
C LYS F 39 11.55 10.52 -28.27
N LEU F 40 10.59 11.30 -28.74
CA LEU F 40 10.32 12.59 -28.17
C LEU F 40 9.54 12.43 -26.86
N GLU F 41 10.01 13.04 -25.79
CA GLU F 41 9.38 12.81 -24.50
C GLU F 41 9.01 14.10 -23.81
N ALA F 42 9.38 15.21 -24.43
CA ALA F 42 9.06 16.55 -23.97
C ALA F 42 9.44 17.53 -25.07
N PHE F 43 8.62 18.56 -25.28
CA PHE F 43 8.93 19.60 -26.26
C PHE F 43 8.11 20.88 -26.09
N VAL F 44 8.58 21.95 -26.69
CA VAL F 44 7.84 23.20 -26.72
C VAL F 44 7.93 23.84 -28.11
N GLY F 45 6.78 24.08 -28.72
CA GLY F 45 6.73 24.66 -30.05
C GLY F 45 5.64 23.97 -30.85
N GLU F 46 5.74 24.07 -32.17
CA GLU F 46 4.82 23.39 -33.07
C GLU F 46 4.99 21.89 -32.89
N LYS F 47 3.95 21.09 -33.14
CA LYS F 47 4.09 19.63 -33.09
C LYS F 47 4.96 19.13 -34.24
N THR F 48 5.93 18.26 -33.95
CA THR F 48 6.74 17.66 -35.02
C THR F 48 6.11 16.34 -35.47
N ASP F 49 6.18 16.07 -36.77
CA ASP F 49 5.71 14.79 -37.30
C ASP F 49 6.65 13.68 -36.86
N HIS F 50 7.84 14.05 -36.40
CA HIS F 50 8.82 13.04 -36.09
C HIS F 50 9.01 12.86 -34.59
N VAL F 51 8.07 12.16 -33.98
CA VAL F 51 8.10 11.90 -32.55
C VAL F 51 9.05 10.73 -32.28
N GLU F 52 9.32 9.93 -33.32
CA GLU F 52 10.33 8.88 -33.24
C GLU F 52 11.28 9.01 -34.42
N ILE F 53 12.58 8.89 -34.18
CA ILE F 53 13.54 9.04 -35.26
C ILE F 53 14.26 7.74 -35.42
N ASN F 54 14.28 7.24 -36.65
CA ASN F 54 14.99 6.00 -36.94
C ASN F 54 16.45 6.32 -36.88
N LEU F 55 17.19 5.60 -36.04
CA LEU F 55 18.58 5.95 -35.81
C LEU F 55 19.31 5.87 -37.14
N GLY F 56 19.96 6.99 -37.48
CA GLY F 56 20.57 7.19 -38.77
C GLY F 56 20.03 8.47 -39.37
N ASP F 57 18.73 8.68 -39.23
CA ASP F 57 18.08 9.84 -39.82
C ASP F 57 18.33 11.10 -39.01
N GLY F 58 18.61 12.20 -39.71
CA GLY F 58 18.59 13.50 -39.07
C GLY F 58 19.82 13.86 -38.27
N LEU F 59 19.94 15.16 -37.99
CA LEU F 59 20.98 15.65 -37.13
C LEU F 59 20.72 15.12 -35.75
N CYS F 60 19.48 14.73 -35.50
CA CYS F 60 19.14 14.14 -34.23
C CYS F 60 20.00 12.90 -34.01
N SER F 61 20.11 12.06 -35.04
CA SER F 61 20.88 10.84 -34.90
C SER F 61 22.37 11.12 -34.92
N LEU F 62 22.75 12.12 -35.70
CA LEU F 62 24.16 12.43 -35.83
C LEU F 62 24.75 12.73 -34.46
N ALA F 63 24.06 13.54 -33.68
CA ALA F 63 24.58 13.96 -32.39
C ALA F 63 24.83 12.79 -31.42
N VAL F 64 23.90 11.84 -31.34
CA VAL F 64 24.09 10.76 -30.37
C VAL F 64 25.06 9.70 -30.87
N LEU F 65 25.13 9.52 -32.18
CA LEU F 65 25.99 8.49 -32.74
C LEU F 65 27.46 8.86 -32.60
N LYS F 66 27.77 10.12 -32.84
CA LYS F 66 29.15 10.55 -32.78
C LYS F 66 29.45 11.19 -31.44
N ASN F 67 28.44 11.16 -30.57
CA ASN F 67 28.54 11.69 -29.22
C ASN F 67 29.15 13.08 -29.10
N ASP F 68 28.67 14.03 -29.90
CA ASP F 68 29.16 15.42 -29.83
C ASP F 68 28.09 16.45 -30.28
N ILE F 69 28.26 17.70 -29.85
CA ILE F 69 27.35 18.76 -30.25
C ILE F 69 27.30 18.94 -31.77
N VAL F 70 26.10 19.10 -32.30
CA VAL F 70 25.96 19.50 -33.69
C VAL F 70 25.30 20.87 -33.79
N ASN F 71 26.00 21.82 -34.39
CA ASN F 71 25.43 23.15 -34.57
C ASN F 71 25.42 23.56 -36.03
N GLU F 72 24.32 23.23 -36.71
CA GLU F 72 24.18 23.50 -38.13
C GLU F 72 23.55 24.87 -38.39
N TYR F 73 24.34 25.75 -38.99
CA TYR F 73 23.92 27.14 -39.17
C TYR F 73 23.15 27.29 -40.47
N ASP F 74 23.25 26.26 -41.31
CA ASP F 74 22.55 26.22 -42.59
C ASP F 74 22.10 24.81 -42.94
N VAL F 75 20.89 24.45 -42.51
CA VAL F 75 20.45 23.06 -42.60
C VAL F 75 20.42 22.53 -44.01
N LYS F 76 20.26 23.45 -44.97
CA LYS F 76 20.09 23.05 -46.36
C LYS F 76 21.40 22.52 -46.94
N SER F 77 22.52 22.93 -46.34
CA SER F 77 23.83 22.49 -46.81
C SER F 77 24.33 21.25 -46.07
N ASN F 78 23.44 20.58 -45.34
CA ASN F 78 23.77 19.38 -44.59
C ASN F 78 22.96 18.19 -45.01
N PRO F 79 23.59 17.28 -45.76
CA PRO F 79 23.01 16.03 -46.27
C PRO F 79 22.41 15.14 -45.18
N LYS F 80 22.74 15.39 -43.92
CA LYS F 80 22.22 14.56 -42.85
C LYS F 80 21.03 15.23 -42.17
N TYR F 81 20.66 16.43 -42.62
CA TYR F 81 19.52 17.12 -42.04
C TYR F 81 18.23 16.38 -42.34
N LEU F 82 17.31 16.36 -41.37
CA LEU F 82 15.97 15.79 -41.53
C LEU F 82 14.93 16.84 -41.17
N ALA F 83 14.21 17.33 -42.19
CA ALA F 83 13.26 18.43 -42.01
C ALA F 83 11.99 18.06 -41.22
N CYS F 84 11.81 18.70 -40.08
CA CYS F 84 10.62 18.49 -39.29
C CYS F 84 9.79 19.75 -39.38
N PHE F 85 10.43 20.82 -39.84
CA PHE F 85 9.76 22.10 -39.93
C PHE F 85 10.26 22.85 -41.15
N PRO F 86 9.31 23.41 -41.91
CA PRO F 86 9.57 23.93 -43.25
C PRO F 86 10.29 25.27 -43.22
N SER F 87 10.44 25.81 -42.03
CA SER F 87 10.88 27.18 -41.89
C SER F 87 12.22 27.17 -41.17
N THR F 88 12.65 25.96 -40.80
CA THR F 88 13.84 25.82 -39.99
C THR F 88 15.10 26.09 -40.82
N GLN F 89 16.04 26.86 -40.28
CA GLN F 89 17.28 27.13 -41.00
C GLN F 89 18.51 26.71 -40.22
N SER F 90 18.41 26.80 -38.89
CA SER F 90 19.44 26.36 -37.97
C SER F 90 18.85 25.33 -37.04
N GLU F 91 19.59 24.26 -36.81
CA GLU F 91 19.23 23.25 -35.84
C GLU F 91 20.45 22.97 -35.00
N ILE F 92 20.28 22.88 -33.68
CA ILE F 92 21.39 22.50 -32.83
C ILE F 92 21.00 21.26 -32.03
N VAL F 93 21.87 20.26 -32.00
CA VAL F 93 21.56 19.06 -31.25
C VAL F 93 22.66 18.87 -30.23
N VAL F 94 22.28 18.77 -28.96
CA VAL F 94 23.24 18.64 -27.89
C VAL F 94 22.99 17.32 -27.17
N PRO F 95 24.02 16.47 -27.11
CA PRO F 95 23.89 15.13 -26.53
C PRO F 95 23.68 15.19 -25.03
N VAL F 96 22.81 14.33 -24.51
CA VAL F 96 22.62 14.19 -23.08
C VAL F 96 23.31 12.92 -22.60
N ARG F 97 24.32 13.10 -21.74
CA ARG F 97 25.17 11.99 -21.34
C ARG F 97 24.96 11.60 -19.88
N TYR F 98 24.71 10.31 -19.66
CA TYR F 98 24.61 9.73 -18.32
C TYR F 98 25.71 8.69 -18.08
N GLN F 99 26.62 8.99 -17.14
CA GLN F 99 27.78 8.15 -16.89
C GLN F 99 28.48 7.95 -18.23
N GLY F 100 28.83 9.07 -18.86
CA GLY F 100 29.64 9.09 -20.07
C GLY F 100 28.95 8.72 -21.38
N GLU F 101 28.08 7.71 -21.34
CA GLU F 101 27.44 7.24 -22.58
C GLU F 101 26.18 8.09 -22.84
N PRO F 102 25.95 8.45 -24.11
CA PRO F 102 24.81 9.26 -24.54
C PRO F 102 23.51 8.50 -24.40
N ILE F 103 22.50 9.14 -23.79
CA ILE F 103 21.21 8.50 -23.51
C ILE F 103 20.04 9.26 -24.13
N GLY F 104 20.34 10.39 -24.77
CA GLY F 104 19.33 11.26 -25.33
C GLY F 104 19.95 12.57 -25.75
N GLU F 105 19.12 13.56 -26.04
CA GLU F 105 19.61 14.82 -26.58
C GLU F 105 18.61 15.92 -26.41
N ILE F 106 19.12 17.14 -26.36
CA ILE F 106 18.27 18.32 -26.51
C ILE F 106 18.37 18.74 -27.98
N ASP F 107 17.22 18.85 -28.65
CA ASP F 107 17.13 19.27 -30.06
C ASP F 107 16.42 20.61 -30.14
N ILE F 108 17.01 21.58 -30.82
CA ILE F 108 16.43 22.92 -30.90
C ILE F 108 16.51 23.48 -32.35
N ASP F 109 15.35 23.86 -32.88
CA ASP F 109 15.29 24.38 -34.25
C ASP F 109 15.12 25.90 -34.22
N SER F 110 15.65 26.57 -35.23
CA SER F 110 15.45 28.00 -35.36
C SER F 110 15.19 28.35 -36.81
N ASP F 111 14.27 29.29 -37.03
CA ASP F 111 13.97 29.75 -38.38
C ASP F 111 15.09 30.67 -38.87
N LYS F 112 15.81 31.25 -37.92
CA LYS F 112 16.93 32.12 -38.22
C LYS F 112 18.15 31.31 -38.70
N LYS F 113 18.82 31.82 -39.72
CA LYS F 113 20.05 31.22 -40.26
C LYS F 113 21.18 31.52 -39.29
N ALA F 114 22.10 30.57 -39.11
CA ALA F 114 23.21 30.74 -38.18
C ALA F 114 22.74 31.25 -36.81
N ALA F 115 21.70 30.62 -36.29
CA ALA F 115 21.06 31.08 -35.07
C ALA F 115 21.93 30.89 -33.83
N PHE F 116 22.73 29.82 -33.80
CA PHE F 116 23.33 29.41 -32.54
C PHE F 116 24.83 29.73 -32.43
N SER F 117 25.20 30.36 -31.32
CA SER F 117 26.58 30.78 -31.05
C SER F 117 27.33 29.85 -30.09
N LYS F 118 28.61 30.13 -29.85
CA LYS F 118 29.37 29.30 -28.92
C LYS F 118 28.80 29.42 -27.52
N GLU F 119 28.15 30.55 -27.24
CA GLU F 119 27.47 30.74 -25.97
C GLU F 119 26.32 29.77 -25.86
N ASP F 120 25.50 29.71 -26.92
CA ASP F 120 24.42 28.71 -27.00
C ASP F 120 24.98 27.31 -26.77
N GLU F 121 26.00 26.95 -27.54
CA GLU F 121 26.65 25.64 -27.44
C GLU F 121 27.11 25.38 -26.02
N ALA F 122 27.70 26.40 -25.40
CA ALA F 122 28.22 26.24 -24.06
C ALA F 122 27.11 25.95 -23.06
N MET F 123 26.14 26.86 -23.02
CA MET F 123 25.07 26.78 -22.05
C MET F 123 24.27 25.50 -22.21
N LEU F 124 23.92 25.18 -23.44
CA LEU F 124 23.08 24.00 -23.69
C LEU F 124 23.81 22.75 -23.23
N SER F 125 25.13 22.71 -23.41
CA SER F 125 25.89 21.56 -22.93
C SER F 125 25.84 21.48 -21.41
N SER F 126 25.94 22.64 -20.77
CA SER F 126 25.89 22.72 -19.34
C SER F 126 24.55 22.20 -18.89
N ILE F 127 23.51 22.62 -19.58
CA ILE F 127 22.13 22.27 -19.23
C ILE F 127 21.84 20.78 -19.44
N ALA F 128 22.36 20.25 -20.55
CA ALA F 128 22.21 18.83 -20.85
C ALA F 128 22.71 17.99 -19.68
N ASP F 129 23.81 18.45 -19.09
CA ASP F 129 24.41 17.74 -17.98
C ASP F 129 23.55 17.79 -16.74
N LEU F 130 23.08 18.97 -16.44
CA LEU F 130 22.25 19.21 -15.27
C LEU F 130 21.03 18.33 -15.34
N MET F 131 20.57 18.07 -16.55
CA MET F 131 19.31 17.37 -16.75
C MET F 131 19.46 15.87 -16.91
N ALA F 132 20.69 15.43 -17.13
CA ALA F 132 20.95 14.04 -17.49
C ALA F 132 20.24 12.99 -16.61
N PRO F 133 20.25 13.17 -15.28
CA PRO F 133 19.59 12.11 -14.51
C PRO F 133 18.10 12.07 -14.77
N LEU F 134 17.51 13.24 -14.94
CA LEU F 134 16.08 13.33 -15.20
C LEU F 134 15.74 12.69 -16.52
N VAL F 135 16.52 13.01 -17.55
CA VAL F 135 16.33 12.40 -18.85
C VAL F 135 16.42 10.90 -18.76
N HIS F 136 17.42 10.46 -18.00
CA HIS F 136 17.73 9.05 -17.80
C HIS F 136 16.51 8.21 -17.37
N GLU F 137 15.55 8.84 -16.69
CA GLU F 137 14.35 8.13 -16.27
C GLU F 137 13.59 7.56 -17.48
N PHE F 138 13.84 8.09 -18.67
CA PHE F 138 13.19 7.59 -19.89
C PHE F 138 14.10 6.72 -20.77
N PHE F 139 15.34 6.54 -20.35
CA PHE F 139 16.30 5.78 -21.13
C PHE F 139 16.04 4.27 -21.08
N VAL F 140 16.27 3.58 -22.20
CA VAL F 140 16.17 2.12 -22.29
C VAL F 140 17.23 1.58 -23.26
N LYS F 141 17.93 0.53 -22.85
CA LYS F 141 19.02 0.00 -23.67
C LYS F 141 18.53 -1.24 -24.44
N LEU F 142 19.45 -2.08 -24.92
CA LEU F 142 19.09 -3.20 -25.79
C LEU F 142 19.41 -4.59 -25.22
N ASP G 2 22.31 32.73 -17.69
CA ASP G 2 22.62 32.32 -16.31
C ASP G 2 22.10 30.96 -15.89
N LEU G 3 23.05 30.06 -15.54
CA LEU G 3 22.71 28.71 -15.09
C LEU G 3 21.89 28.67 -13.79
N LYS G 4 22.25 29.48 -12.79
CA LYS G 4 21.52 29.50 -11.52
C LYS G 4 20.03 29.72 -11.69
N GLU G 5 19.69 30.71 -12.50
CA GLU G 5 18.31 31.08 -12.75
C GLU G 5 17.58 29.87 -13.35
N PHE G 6 18.22 29.19 -14.30
CA PHE G 6 17.64 27.96 -14.87
C PHE G 6 17.46 26.90 -13.82
N ALA G 7 18.48 26.71 -13.01
CA ALA G 7 18.43 25.72 -11.97
C ALA G 7 17.32 26.08 -11.01
N ARG G 8 17.24 27.36 -10.64
CA ARG G 8 16.19 27.80 -9.74
C ARG G 8 14.87 27.47 -10.37
N SER G 9 14.77 27.79 -11.65
CA SER G 9 13.58 27.46 -12.42
C SER G 9 13.20 25.98 -12.24
N GLN G 10 14.17 25.07 -12.41
CA GLN G 10 13.86 23.66 -12.26
C GLN G 10 13.47 23.34 -10.82
N MET G 11 14.15 23.98 -9.87
CA MET G 11 13.89 23.70 -8.46
C MET G 11 12.49 24.16 -8.04
N GLN G 12 12.08 25.32 -8.55
CA GLN G 12 10.76 25.83 -8.26
C GLN G 12 9.70 24.87 -8.82
N ALA G 13 9.92 24.40 -10.04
CA ALA G 13 8.99 23.49 -10.69
C ALA G 13 8.83 22.20 -9.89
N ALA G 14 9.93 21.74 -9.30
CA ALA G 14 9.88 20.53 -8.50
C ALA G 14 9.05 20.79 -7.23
N CYS G 15 9.32 21.90 -6.56
CA CYS G 15 8.54 22.29 -5.41
C CYS G 15 7.06 22.35 -5.75
N GLN G 16 6.79 22.89 -6.94
CA GLN G 16 5.43 23.01 -7.41
C GLN G 16 4.81 21.65 -7.62
N TYR G 17 5.43 20.83 -8.47
CA TYR G 17 4.97 19.48 -8.76
C TYR G 17 4.74 18.68 -7.48
N LEU G 18 5.67 18.82 -6.54
CA LEU G 18 5.51 18.12 -5.26
C LEU G 18 4.26 18.59 -4.50
N LYS G 19 4.10 19.91 -4.38
CA LYS G 19 2.98 20.49 -3.66
C LYS G 19 1.63 20.09 -4.25
N GLU G 20 1.62 19.97 -5.57
CA GLU G 20 0.41 19.66 -6.29
C GLU G 20 -0.01 18.23 -6.07
N LYS G 21 0.94 17.32 -6.26
CA LYS G 21 0.63 15.91 -6.25
C LYS G 21 0.39 15.38 -4.82
N ASN G 22 0.89 16.10 -3.82
CA ASN G 22 0.73 15.66 -2.44
C ASN G 22 0.16 16.77 -1.58
N PRO G 23 -1.15 16.67 -1.28
CA PRO G 23 -1.89 17.72 -0.59
C PRO G 23 -1.47 17.84 0.87
N LYS G 24 -0.89 16.78 1.43
CA LYS G 24 -0.45 16.81 2.82
C LYS G 24 0.80 17.68 2.97
N TYR G 25 1.52 17.87 1.86
CA TYR G 25 2.68 18.75 1.88
C TYR G 25 2.21 20.20 1.98
N ASP G 26 2.45 20.85 3.12
CA ASP G 26 2.02 22.24 3.34
C ASP G 26 3.12 23.21 2.98
N TRP G 27 4.36 22.72 3.03
CA TRP G 27 5.48 23.53 2.60
C TRP G 27 6.54 22.67 1.95
N VAL G 28 7.07 23.13 0.82
CA VAL G 28 8.05 22.37 0.09
C VAL G 28 9.15 23.31 -0.35
N GLY G 29 10.36 23.06 0.13
CA GLY G 29 11.46 23.95 -0.16
C GLY G 29 12.80 23.25 -0.29
N PHE G 30 13.71 23.90 -0.99
CA PHE G 30 15.07 23.42 -1.19
C PHE G 30 16.09 24.26 -0.47
N TYR G 31 16.77 23.70 0.53
CA TYR G 31 17.88 24.40 1.17
C TYR G 31 19.21 23.91 0.61
N VAL G 32 20.10 24.84 0.29
CA VAL G 32 21.40 24.50 -0.29
C VAL G 32 22.52 24.97 0.61
N LEU G 33 23.52 24.12 0.78
CA LEU G 33 24.70 24.48 1.55
C LEU G 33 25.55 25.55 0.84
N GLU G 34 25.59 26.75 1.42
CA GLU G 34 26.37 27.85 0.88
C GLU G 34 27.20 28.52 2.00
N HIS G 35 28.52 28.39 1.91
CA HIS G 35 29.42 28.95 2.91
C HIS G 35 29.12 28.42 4.29
N GLY G 36 28.89 27.12 4.38
CA GLY G 36 28.66 26.46 5.65
C GLY G 36 27.29 26.71 6.26
N LYS G 37 26.41 27.36 5.51
CA LYS G 37 25.04 27.59 5.98
C LYS G 37 24.04 27.05 4.97
N LEU G 38 22.86 26.69 5.46
CA LEU G 38 21.76 26.29 4.62
C LEU G 38 20.95 27.51 4.23
N LYS G 39 20.92 27.82 2.94
CA LYS G 39 20.11 28.96 2.46
C LYS G 39 19.01 28.45 1.55
N LEU G 40 17.82 29.04 1.70
CA LEU G 40 16.66 28.66 0.91
C LEU G 40 16.78 29.26 -0.50
N GLU G 41 16.51 28.47 -1.52
CA GLU G 41 16.69 28.94 -2.88
C GLU G 41 15.52 28.66 -3.79
N ALA G 42 14.52 27.95 -3.26
CA ALA G 42 13.28 27.69 -3.98
C ALA G 42 12.30 27.07 -3.01
N PHE G 43 11.03 27.45 -3.14
CA PHE G 43 9.99 26.87 -2.28
C PHE G 43 8.58 27.11 -2.81
N VAL G 44 7.64 26.36 -2.25
CA VAL G 44 6.24 26.54 -2.56
C VAL G 44 5.48 26.48 -1.26
N GLY G 45 4.77 27.58 -0.96
CA GLY G 45 4.01 27.68 0.26
C GLY G 45 4.11 29.05 0.90
N GLU G 46 3.79 29.10 2.18
CA GLU G 46 3.88 30.33 2.96
C GLU G 46 5.35 30.78 3.09
N LYS G 47 5.58 32.07 3.27
CA LYS G 47 6.94 32.57 3.50
C LYS G 47 7.47 31.97 4.79
N THR G 48 8.71 31.51 4.80
CA THR G 48 9.28 30.90 6.00
C THR G 48 9.91 31.93 6.94
N ASP G 49 9.85 31.65 8.25
CA ASP G 49 10.46 32.51 9.26
C ASP G 49 11.99 32.51 9.12
N HIS G 50 12.50 31.41 8.57
CA HIS G 50 13.93 31.17 8.51
C HIS G 50 14.44 30.89 7.12
N VAL G 51 14.69 31.95 6.35
CA VAL G 51 15.14 31.80 4.97
C VAL G 51 16.61 31.40 4.94
N GLU G 52 17.30 31.67 6.04
CA GLU G 52 18.66 31.20 6.17
C GLU G 52 18.79 30.52 7.53
N ILE G 53 19.42 29.35 7.53
CA ILE G 53 19.51 28.55 8.73
C ILE G 53 20.94 28.35 9.16
N ASN G 54 21.18 28.55 10.46
CA ASN G 54 22.48 28.32 11.12
C ASN G 54 22.74 26.85 11.29
N LEU G 55 23.90 26.33 10.85
CA LEU G 55 24.15 24.89 10.97
C LEU G 55 24.16 24.45 12.44
N GLY G 56 23.30 23.48 12.74
CA GLY G 56 23.04 23.07 14.12
C GLY G 56 21.55 23.21 14.40
N ASP G 57 20.96 24.31 13.92
CA ASP G 57 19.55 24.55 14.19
C ASP G 57 18.67 23.70 13.30
N GLY G 58 17.64 23.11 13.91
CA GLY G 58 16.59 22.49 13.15
C GLY G 58 16.93 21.13 12.58
N LEU G 59 15.88 20.40 12.22
CA LEU G 59 16.00 19.11 11.56
C LEU G 59 16.64 19.31 10.19
N CYS G 60 16.58 20.56 9.71
CA CYS G 60 17.24 20.91 8.46
C CYS G 60 18.74 20.61 8.60
N SER G 61 19.30 20.98 9.75
CA SER G 61 20.73 20.78 9.99
C SER G 61 21.04 19.33 10.28
N LEU G 62 20.10 18.65 10.94
CA LEU G 62 20.32 17.25 11.30
C LEU G 62 20.60 16.42 10.04
N ALA G 63 19.76 16.59 9.03
CA ALA G 63 19.80 15.76 7.83
C ALA G 63 21.12 15.88 7.08
N VAL G 64 21.68 17.08 6.95
CA VAL G 64 22.98 17.19 6.25
C VAL G 64 24.18 16.81 7.14
N LEU G 65 24.08 17.02 8.44
CA LEU G 65 25.20 16.73 9.33
C LEU G 65 25.35 15.23 9.50
N LYS G 66 24.23 14.54 9.55
CA LYS G 66 24.26 13.08 9.69
C LYS G 66 24.07 12.43 8.31
N ASN G 67 24.02 13.25 7.25
CA ASN G 67 23.84 12.77 5.88
C ASN G 67 22.78 11.68 5.76
N ASP G 68 21.64 11.88 6.40
CA ASP G 68 20.59 10.89 6.36
C ASP G 68 19.20 11.54 6.45
N ILE G 69 18.19 10.82 5.98
CA ILE G 69 16.81 11.25 6.04
C ILE G 69 16.34 11.49 7.47
N VAL G 70 15.63 12.59 7.68
CA VAL G 70 14.95 12.82 8.94
C VAL G 70 13.47 12.81 8.66
N ASN G 71 12.75 11.90 9.29
CA ASN G 71 11.30 11.85 9.13
C ASN G 71 10.62 11.95 10.48
N GLU G 72 10.37 13.18 10.89
CA GLU G 72 9.77 13.41 12.20
C GLU G 72 8.25 13.48 12.12
N TYR G 73 7.60 12.56 12.82
CA TYR G 73 6.14 12.51 12.77
C TYR G 73 5.50 13.37 13.84
N ASP G 74 6.27 13.79 14.85
CA ASP G 74 5.75 14.67 15.88
C ASP G 74 6.81 15.67 16.31
N VAL G 75 6.85 16.80 15.61
CA VAL G 75 7.93 17.75 15.79
C VAL G 75 8.01 18.25 17.23
N LYS G 76 6.91 18.18 17.96
CA LYS G 76 6.89 18.72 19.30
C LYS G 76 7.72 17.88 20.25
N SER G 77 7.85 16.59 19.95
CA SER G 77 8.59 15.69 20.84
C SER G 77 10.04 15.56 20.41
N ASN G 78 10.47 16.50 19.55
CA ASN G 78 11.83 16.55 19.04
C ASN G 78 12.58 17.87 19.34
N PRO G 79 13.56 17.81 20.26
CA PRO G 79 14.43 18.91 20.71
C PRO G 79 15.22 19.63 19.61
N LYS G 80 15.38 18.99 18.45
CA LYS G 80 16.18 19.60 17.39
C LYS G 80 15.28 20.28 16.38
N TYR G 81 13.97 20.25 16.62
CA TYR G 81 13.02 20.91 15.75
C TYR G 81 13.17 22.43 15.80
N LEU G 82 13.03 23.06 14.64
CA LEU G 82 13.07 24.51 14.58
C LEU G 82 11.81 24.97 13.88
N ALA G 83 10.90 25.59 14.63
CA ALA G 83 9.61 25.97 14.08
C ALA G 83 9.73 27.12 13.09
N CYS G 84 9.31 26.84 11.87
CA CYS G 84 9.30 27.84 10.82
C CYS G 84 7.86 28.20 10.57
N PHE G 85 6.97 27.40 11.14
CA PHE G 85 5.55 27.57 10.95
C PHE G 85 4.83 27.20 12.23
N PRO G 86 3.78 27.95 12.59
CA PRO G 86 3.13 27.73 13.88
C PRO G 86 2.27 26.48 13.86
N SER G 87 2.17 25.83 12.70
CA SER G 87 1.18 24.79 12.54
C SER G 87 1.71 23.40 12.20
N THR G 88 2.98 23.28 11.86
CA THR G 88 3.47 21.99 11.35
C THR G 88 3.74 21.01 12.48
N GLN G 89 3.39 19.75 12.23
CA GLN G 89 3.52 18.69 13.22
C GLN G 89 4.46 17.60 12.78
N SER G 90 4.52 17.42 11.46
CA SER G 90 5.44 16.47 10.83
C SER G 90 6.34 17.24 9.89
N GLU G 91 7.63 16.94 9.95
CA GLU G 91 8.61 17.47 9.02
C GLU G 91 9.49 16.34 8.49
N ILE G 92 9.73 16.32 7.18
CA ILE G 92 10.65 15.35 6.57
C ILE G 92 11.78 16.11 5.87
N VAL G 93 13.02 15.70 6.12
CA VAL G 93 14.17 16.36 5.50
C VAL G 93 15.02 15.33 4.78
N VAL G 94 15.22 15.53 3.47
CA VAL G 94 15.92 14.57 2.63
C VAL G 94 17.18 15.20 2.05
N PRO G 95 18.35 14.58 2.29
CA PRO G 95 19.62 15.15 1.80
C PRO G 95 19.74 15.07 0.27
N VAL G 96 20.26 16.13 -0.32
CA VAL G 96 20.58 16.10 -1.74
C VAL G 96 22.09 15.97 -1.86
N ARG G 97 22.52 14.88 -2.48
CA ARG G 97 23.95 14.51 -2.54
C ARG G 97 24.57 14.69 -3.90
N TYR G 98 25.70 15.39 -3.95
CA TYR G 98 26.41 15.50 -5.20
C TYR G 98 27.76 14.82 -5.09
N GLN G 99 27.91 13.74 -5.84
CA GLN G 99 29.08 12.91 -5.75
C GLN G 99 29.30 12.50 -4.31
N GLY G 100 28.30 11.84 -3.74
CA GLY G 100 28.41 11.29 -2.39
C GLY G 100 28.24 12.28 -1.24
N GLU G 101 28.74 13.49 -1.43
CA GLU G 101 28.70 14.52 -0.38
C GLU G 101 27.35 15.26 -0.41
N PRO G 102 26.76 15.49 0.79
CA PRO G 102 25.51 16.24 0.90
C PRO G 102 25.76 17.70 0.60
N ILE G 103 24.95 18.26 -0.29
CA ILE G 103 25.15 19.65 -0.73
C ILE G 103 23.89 20.49 -0.46
N GLY G 104 22.87 19.85 0.09
CA GLY G 104 21.61 20.51 0.33
C GLY G 104 20.56 19.50 0.66
N GLU G 105 19.31 19.96 0.65
CA GLU G 105 18.23 19.11 1.12
C GLU G 105 16.89 19.56 0.59
N ILE G 106 15.99 18.60 0.47
CA ILE G 106 14.58 18.91 0.24
C ILE G 106 13.94 18.92 1.62
N ASP G 107 13.31 20.05 1.98
CA ASP G 107 12.67 20.22 3.27
C ASP G 107 11.16 20.37 3.07
N ILE G 108 10.39 19.55 3.76
CA ILE G 108 8.94 19.56 3.60
C ILE G 108 8.21 19.52 4.94
N ASP G 109 7.36 20.52 5.18
CA ASP G 109 6.58 20.64 6.41
C ASP G 109 5.11 20.25 6.21
N SER G 110 4.52 19.66 7.24
CA SER G 110 3.11 19.31 7.17
C SER G 110 2.43 19.58 8.51
N ASP G 111 1.20 20.09 8.42
CA ASP G 111 0.43 20.38 9.63
C ASP G 111 -0.06 19.07 10.24
N LYS G 112 -0.17 18.04 9.40
CA LYS G 112 -0.60 16.72 9.85
C LYS G 112 0.49 15.98 10.64
N LYS G 113 0.07 15.33 11.71
CA LYS G 113 0.95 14.45 12.49
C LYS G 113 1.15 13.14 11.71
N ALA G 114 2.35 12.55 11.79
CA ALA G 114 2.68 11.33 11.06
C ALA G 114 2.31 11.42 9.58
N ALA G 115 2.69 12.54 8.97
CA ALA G 115 2.29 12.81 7.59
C ALA G 115 3.03 11.90 6.60
N PHE G 116 4.28 11.57 6.89
CA PHE G 116 5.12 10.98 5.85
C PHE G 116 5.36 9.50 6.06
N SER G 117 5.11 8.74 5.00
CA SER G 117 5.25 7.28 5.05
C SER G 117 6.54 6.92 4.39
N LYS G 118 6.87 5.64 4.47
CA LYS G 118 8.10 5.12 3.86
C LYS G 118 8.04 5.32 2.35
N GLU G 119 6.82 5.35 1.80
CA GLU G 119 6.66 5.68 0.39
C GLU G 119 7.13 7.11 0.14
N ASP G 120 6.69 8.06 0.97
CA ASP G 120 7.18 9.43 0.85
C ASP G 120 8.69 9.46 0.88
N GLU G 121 9.26 8.80 1.89
CA GLU G 121 10.70 8.77 2.02
C GLU G 121 11.40 8.32 0.75
N ALA G 122 10.86 7.25 0.14
CA ALA G 122 11.47 6.67 -1.04
C ALA G 122 11.48 7.64 -2.22
N MET G 123 10.30 8.15 -2.56
CA MET G 123 10.18 9.07 -3.66
C MET G 123 11.08 10.27 -3.47
N LEU G 124 11.04 10.83 -2.27
CA LEU G 124 11.78 12.06 -2.00
C LEU G 124 13.26 11.85 -2.19
N SER G 125 13.73 10.67 -1.81
CA SER G 125 15.12 10.34 -1.97
C SER G 125 15.47 10.24 -3.43
N SER G 126 14.59 9.60 -4.18
CA SER G 126 14.79 9.49 -5.61
C SER G 126 14.82 10.88 -6.24
N ILE G 127 13.92 11.74 -5.79
CA ILE G 127 13.85 13.05 -6.40
C ILE G 127 15.09 13.85 -6.02
N ALA G 128 15.55 13.70 -4.77
CA ALA G 128 16.74 14.41 -4.34
C ALA G 128 17.90 14.05 -5.25
N ASP G 129 17.98 12.77 -5.61
CA ASP G 129 19.04 12.31 -6.49
C ASP G 129 18.90 12.88 -7.88
N LEU G 130 17.69 12.80 -8.45
CA LEU G 130 17.44 13.36 -9.78
C LEU G 130 17.73 14.85 -9.82
N MET G 131 17.54 15.53 -8.69
CA MET G 131 17.67 16.98 -8.68
C MET G 131 19.06 17.45 -8.32
N ALA G 132 19.89 16.52 -7.86
CA ALA G 132 21.21 16.87 -7.31
C ALA G 132 22.11 17.79 -8.15
N PRO G 133 22.25 17.54 -9.47
CA PRO G 133 23.13 18.41 -10.26
C PRO G 133 22.57 19.82 -10.35
N LEU G 134 21.26 19.88 -10.40
CA LEU G 134 20.62 21.18 -10.43
C LEU G 134 20.86 21.87 -9.09
N VAL G 135 20.65 21.16 -7.99
CA VAL G 135 20.88 21.75 -6.69
C VAL G 135 22.35 22.23 -6.59
N HIS G 136 23.27 21.42 -7.08
CA HIS G 136 24.70 21.69 -7.00
C HIS G 136 25.11 23.07 -7.53
N GLU G 137 24.34 23.62 -8.45
CA GLU G 137 24.72 24.92 -9.02
C GLU G 137 24.78 26.03 -7.98
N PHE G 138 24.12 25.83 -6.84
CA PHE G 138 24.12 26.86 -5.80
C PHE G 138 25.07 26.52 -4.66
N PHE G 139 25.75 25.39 -4.78
CA PHE G 139 26.60 24.89 -3.71
C PHE G 139 27.87 25.69 -3.59
N VAL G 140 28.31 25.89 -2.35
CA VAL G 140 29.57 26.56 -1.99
C VAL G 140 30.12 26.01 -0.66
N LYS G 141 31.43 25.79 -0.57
CA LYS G 141 32.02 25.29 0.68
C LYS G 141 32.72 26.37 1.54
N ASP H 2 52.10 -0.93 38.74
CA ASP H 2 51.40 -2.09 38.25
C ASP H 2 51.31 -1.98 36.72
N LEU H 3 50.70 -2.97 36.07
CA LEU H 3 50.37 -2.89 34.65
C LEU H 3 49.43 -1.70 34.46
N LYS H 4 48.53 -1.53 35.43
CA LYS H 4 47.58 -0.43 35.43
C LYS H 4 48.30 0.90 35.21
N GLU H 5 49.39 1.09 35.94
CA GLU H 5 50.15 2.31 35.86
C GLU H 5 50.70 2.54 34.45
N PHE H 6 51.25 1.49 33.86
CA PHE H 6 51.75 1.55 32.47
C PHE H 6 50.63 1.86 31.49
N ALA H 7 49.51 1.17 31.69
CA ALA H 7 48.36 1.39 30.84
C ALA H 7 47.92 2.83 31.00
N ARG H 8 47.88 3.31 32.25
CA ARG H 8 47.50 4.69 32.47
C ARG H 8 48.47 5.58 31.74
N SER H 9 49.75 5.26 31.87
CA SER H 9 50.78 5.97 31.14
C SER H 9 50.44 6.07 29.65
N GLN H 10 50.14 4.94 29.01
CA GLN H 10 49.81 4.94 27.58
C GLN H 10 48.53 5.72 27.34
N MET H 11 47.55 5.59 28.24
CA MET H 11 46.31 6.32 28.03
C MET H 11 46.47 7.82 28.13
N GLN H 12 47.27 8.25 29.09
CA GLN H 12 47.52 9.67 29.26
C GLN H 12 48.19 10.21 28.01
N ALA H 13 49.16 9.45 27.50
CA ALA H 13 49.90 9.86 26.31
C ALA H 13 49.00 10.02 25.11
N ALA H 14 48.00 9.14 25.00
CA ALA H 14 47.07 9.20 23.90
C ALA H 14 46.21 10.47 24.05
N CYS H 15 45.69 10.71 25.25
CA CYS H 15 44.94 11.91 25.55
C CYS H 15 45.69 13.18 25.16
N GLN H 16 46.99 13.18 25.47
CA GLN H 16 47.86 14.29 25.17
C GLN H 16 47.96 14.48 23.68
N TYR H 17 48.44 13.43 23.00
CA TYR H 17 48.60 13.42 21.55
C TYR H 17 47.32 13.89 20.89
N LEU H 18 46.19 13.40 21.38
CA LEU H 18 44.92 13.83 20.83
C LEU H 18 44.68 15.32 21.01
N LYS H 19 44.86 15.81 22.24
CA LYS H 19 44.63 17.23 22.54
C LYS H 19 45.53 18.15 21.70
N GLU H 20 46.74 17.69 21.43
CA GLU H 20 47.74 18.46 20.70
C GLU H 20 47.43 18.54 19.22
N LYS H 21 47.15 17.40 18.61
CA LYS H 21 47.01 17.36 17.16
C LYS H 21 45.65 17.95 16.73
N ASN H 22 44.70 17.98 17.64
CA ASN H 22 43.38 18.50 17.33
C ASN H 22 42.98 19.53 18.37
N PRO H 23 43.13 20.81 18.01
CA PRO H 23 42.97 21.92 18.95
C PRO H 23 41.52 22.11 19.33
N LYS H 24 40.59 21.63 18.50
CA LYS H 24 39.18 21.80 18.82
C LYS H 24 38.80 20.92 19.98
N TYR H 25 39.59 19.87 20.19
CA TYR H 25 39.33 18.99 21.32
C TYR H 25 39.72 19.79 22.55
N ASP H 26 38.73 20.20 23.35
CA ASP H 26 39.02 21.01 24.53
C ASP H 26 39.21 20.11 25.74
N TRP H 27 38.60 18.93 25.69
CA TRP H 27 38.77 17.94 26.76
C TRP H 27 38.79 16.52 26.19
N VAL H 28 39.75 15.73 26.65
CA VAL H 28 39.92 14.40 26.12
C VAL H 28 40.16 13.44 27.25
N GLY H 29 39.28 12.46 27.42
CA GLY H 29 39.42 11.54 28.54
C GLY H 29 38.97 10.11 28.24
N PHE H 30 39.50 9.19 29.03
CA PHE H 30 39.19 7.76 28.92
C PHE H 30 38.32 7.31 30.08
N TYR H 31 37.08 6.93 29.82
CA TYR H 31 36.24 6.31 30.84
C TYR H 31 36.24 4.80 30.68
N VAL H 32 36.36 4.08 31.80
CA VAL H 32 36.37 2.62 31.78
C VAL H 32 35.25 2.02 32.61
N LEU H 33 34.62 0.99 32.07
CA LEU H 33 33.62 0.25 32.82
C LEU H 33 34.21 -0.51 34.02
N GLU H 34 33.87 -0.07 35.22
CA GLU H 34 34.33 -0.72 36.45
C GLU H 34 33.15 -0.88 37.43
N HIS H 35 32.73 -2.13 37.63
CA HIS H 35 31.60 -2.43 38.50
C HIS H 35 30.34 -1.76 38.03
N GLY H 36 30.10 -1.82 36.73
CA GLY H 36 28.86 -1.31 36.15
C GLY H 36 28.81 0.20 36.09
N LYS H 37 29.91 0.86 36.42
CA LYS H 37 29.98 2.32 36.32
C LYS H 37 31.15 2.76 35.47
N LEU H 38 31.00 3.94 34.84
CA LEU H 38 32.07 4.54 34.08
C LEU H 38 32.92 5.41 34.98
N LYS H 39 34.18 5.04 35.15
CA LYS H 39 35.12 5.82 35.96
C LYS H 39 36.22 6.38 35.08
N LEU H 40 36.60 7.63 35.34
CA LEU H 40 37.63 8.29 34.57
C LEU H 40 39.00 7.78 35.01
N GLU H 41 39.87 7.46 34.07
CA GLU H 41 41.17 6.88 34.44
C GLU H 41 42.36 7.54 33.74
N ALA H 42 42.07 8.49 32.86
CA ALA H 42 43.10 9.29 32.21
C ALA H 42 42.40 10.40 31.47
N PHE H 43 42.98 11.59 31.47
CA PHE H 43 42.41 12.72 30.71
C PHE H 43 43.41 13.85 30.52
N VAL H 44 43.09 14.74 29.59
CA VAL H 44 43.87 15.93 29.33
C VAL H 44 42.92 17.09 29.18
N GLY H 45 43.07 18.09 30.05
CA GLY H 45 42.22 19.26 30.05
C GLY H 45 41.81 19.72 31.43
N GLU H 46 40.74 20.47 31.51
CA GLU H 46 40.22 20.95 32.77
C GLU H 46 39.74 19.76 33.60
N LYS H 47 39.77 19.88 34.92
CA LYS H 47 39.22 18.81 35.77
C LYS H 47 37.71 18.71 35.52
N THR H 48 37.20 17.49 35.41
CA THR H 48 35.78 17.31 35.12
C THR H 48 34.91 17.32 36.39
N ASP H 49 33.67 17.81 36.24
CA ASP H 49 32.70 17.85 37.35
C ASP H 49 32.26 16.43 37.75
N HIS H 50 32.37 15.51 36.80
CA HIS H 50 31.89 14.16 36.94
C HIS H 50 32.94 13.10 36.69
N VAL H 51 33.78 12.81 37.69
CA VAL H 51 34.87 11.85 37.53
C VAL H 51 34.35 10.41 37.54
N GLU H 52 33.16 10.25 38.10
CA GLU H 52 32.52 8.95 38.07
C GLU H 52 31.10 9.18 37.58
N ILE H 53 30.67 8.32 36.66
CA ILE H 53 29.39 8.49 36.01
C ILE H 53 28.47 7.32 36.25
N ASN H 54 27.21 7.63 36.61
CA ASN H 54 26.15 6.64 36.79
C ASN H 54 25.68 6.10 35.46
N LEU H 55 25.63 4.79 35.29
CA LEU H 55 25.19 4.24 33.98
C LEU H 55 23.75 4.69 33.73
N GLY H 56 23.54 5.33 32.59
CA GLY H 56 22.27 5.98 32.30
C GLY H 56 22.48 7.45 32.06
N ASP H 57 23.33 8.07 32.88
CA ASP H 57 23.59 9.49 32.77
C ASP H 57 24.54 9.81 31.63
N GLY H 58 24.20 10.85 30.87
CA GLY H 58 25.15 11.40 29.92
C GLY H 58 25.31 10.62 28.64
N LEU H 59 25.86 11.30 27.65
CA LEU H 59 26.21 10.68 26.38
C LEU H 59 27.31 9.65 26.61
N CYS H 60 28.01 9.79 27.73
CA CYS H 60 29.01 8.80 28.09
C CYS H 60 28.32 7.43 28.19
N SER H 61 27.16 7.39 28.84
CA SER H 61 26.44 6.13 29.06
C SER H 61 25.79 5.61 27.79
N LEU H 62 25.36 6.53 26.92
CA LEU H 62 24.71 6.13 25.69
C LEU H 62 25.61 5.24 24.85
N ALA H 63 26.85 5.71 24.68
CA ALA H 63 27.84 5.10 23.79
C ALA H 63 28.11 3.66 24.17
N VAL H 64 28.22 3.36 25.48
CA VAL H 64 28.44 1.96 25.88
C VAL H 64 27.16 1.13 25.95
N LEU H 65 26.02 1.74 26.25
CA LEU H 65 24.79 0.97 26.39
C LEU H 65 24.25 0.54 25.04
N LYS H 66 24.39 1.42 24.06
CA LYS H 66 23.98 1.16 22.69
C LYS H 66 25.19 0.76 21.83
N ASN H 67 26.34 0.61 22.48
CA ASN H 67 27.57 0.17 21.83
C ASN H 67 27.81 0.84 20.48
N ASP H 68 27.63 2.14 20.40
CA ASP H 68 27.85 2.85 19.16
C ASP H 68 28.35 4.26 19.44
N ILE H 69 29.04 4.81 18.43
CA ILE H 69 29.58 6.14 18.46
C ILE H 69 28.47 7.16 18.68
N VAL H 70 28.72 8.13 19.55
CA VAL H 70 27.80 9.25 19.71
C VAL H 70 28.50 10.51 19.30
N ASN H 71 27.96 11.19 18.30
CA ASN H 71 28.55 12.45 17.88
C ASN H 71 27.54 13.56 17.94
N GLU H 72 27.47 14.21 19.09
CA GLU H 72 26.49 15.28 19.27
C GLU H 72 27.09 16.63 18.90
N TYR H 73 26.48 17.26 17.91
CA TYR H 73 26.99 18.53 17.42
C TYR H 73 26.36 19.70 18.16
N ASP H 74 25.27 19.44 18.89
CA ASP H 74 24.66 20.47 19.72
C ASP H 74 24.11 19.88 21.03
N VAL H 75 24.97 19.88 22.05
CA VAL H 75 24.66 19.17 23.28
C VAL H 75 23.38 19.68 23.95
N LYS H 76 23.00 20.92 23.64
CA LYS H 76 21.87 21.55 24.30
C LYS H 76 20.56 20.96 23.85
N SER H 77 20.55 20.45 22.62
CA SER H 77 19.33 19.89 22.04
C SER H 77 19.23 18.40 22.22
N ASN H 78 20.04 17.89 23.16
CA ASN H 78 20.08 16.47 23.49
C ASN H 78 19.76 16.18 24.98
N PRO H 79 18.56 15.64 25.25
CA PRO H 79 18.07 15.29 26.58
C PRO H 79 18.97 14.35 27.40
N LYS H 80 19.90 13.65 26.74
CA LYS H 80 20.76 12.71 27.46
C LYS H 80 22.11 13.32 27.78
N TYR H 81 22.31 14.58 27.38
CA TYR H 81 23.56 15.27 27.68
C TYR H 81 23.69 15.48 29.19
N LEU H 82 24.91 15.32 29.66
CA LEU H 82 25.24 15.53 31.06
C LEU H 82 26.40 16.50 31.08
N ALA H 83 26.15 17.73 31.50
CA ALA H 83 27.16 18.79 31.45
C ALA H 83 28.29 18.60 32.47
N CYS H 84 29.51 18.47 31.94
CA CYS H 84 30.69 18.34 32.76
C CYS H 84 31.47 19.63 32.67
N PHE H 85 31.07 20.47 31.73
CA PHE H 85 31.75 21.72 31.45
C PHE H 85 30.72 22.76 31.05
N PRO H 86 30.89 24.01 31.52
CA PRO H 86 29.87 25.03 31.30
C PRO H 86 29.92 25.55 29.87
N SER H 87 30.90 25.09 29.10
CA SER H 87 31.19 25.70 27.82
C SER H 87 31.07 24.78 26.59
N THR H 88 30.90 23.48 26.80
CA THR H 88 30.93 22.56 25.65
C THR H 88 29.61 22.55 24.89
N GLN H 89 29.72 22.45 23.58
CA GLN H 89 28.56 22.46 22.69
C GLN H 89 28.47 21.20 21.87
N SER H 90 29.64 20.63 21.57
CA SER H 90 29.75 19.39 20.85
C SER H 90 30.47 18.39 21.75
N GLU H 91 29.94 17.17 21.80
CA GLU H 91 30.59 16.05 22.48
C GLU H 91 30.59 14.80 21.58
N ILE H 92 31.72 14.11 21.51
CA ILE H 92 31.80 12.84 20.78
C ILE H 92 32.24 11.72 21.73
N VAL H 93 31.51 10.61 21.73
CA VAL H 93 31.83 9.49 22.61
C VAL H 93 32.04 8.24 21.77
N VAL H 94 33.20 7.60 21.91
CA VAL H 94 33.57 6.44 21.11
C VAL H 94 33.81 5.21 21.98
N PRO H 95 33.08 4.12 21.70
CA PRO H 95 33.23 2.91 22.53
C PRO H 95 34.57 2.21 22.32
N VAL H 96 35.18 1.77 23.41
CA VAL H 96 36.38 0.94 23.33
C VAL H 96 35.98 -0.51 23.63
N ARG H 97 36.21 -1.37 22.64
CA ARG H 97 35.74 -2.76 22.67
C ARG H 97 36.86 -3.77 22.87
N TYR H 98 36.70 -4.65 23.84
CA TYR H 98 37.66 -5.71 24.04
C TYR H 98 36.98 -7.04 23.76
N GLN H 99 37.41 -7.69 22.69
CA GLN H 99 36.75 -8.92 22.26
C GLN H 99 35.27 -8.66 22.09
N GLY H 100 34.94 -7.71 21.22
CA GLY H 100 33.54 -7.46 20.87
C GLY H 100 32.72 -6.65 21.87
N GLU H 101 32.98 -6.86 23.15
CA GLU H 101 32.24 -6.21 24.22
C GLU H 101 32.80 -4.80 24.55
N PRO H 102 31.91 -3.81 24.75
CA PRO H 102 32.35 -2.48 25.14
C PRO H 102 32.87 -2.49 26.57
N ILE H 103 34.07 -1.96 26.79
CA ILE H 103 34.69 -1.99 28.11
C ILE H 103 35.01 -0.59 28.60
N GLY H 104 34.73 0.40 27.76
CA GLY H 104 35.05 1.77 28.08
C GLY H 104 34.89 2.63 26.85
N GLU H 105 35.38 3.86 26.93
CA GLU H 105 35.14 4.82 25.88
C GLU H 105 36.13 5.96 25.89
N ILE H 106 36.33 6.54 24.72
CA ILE H 106 37.02 7.81 24.57
C ILE H 106 35.91 8.86 24.56
N ASP H 107 36.00 9.81 25.50
CA ASP H 107 35.06 10.91 25.62
C ASP H 107 35.78 12.21 25.33
N ILE H 108 35.24 13.01 24.41
CA ILE H 108 35.89 14.25 24.02
C ILE H 108 34.91 15.41 23.94
N ASP H 109 35.20 16.48 24.69
CA ASP H 109 34.35 17.67 24.69
C ASP H 109 34.93 18.83 23.90
N SER H 110 34.05 19.61 23.28
CA SER H 110 34.47 20.81 22.58
C SER H 110 33.51 21.95 22.80
N ASP H 111 34.07 23.14 22.96
CA ASP H 111 33.25 24.31 23.15
C ASP H 111 32.62 24.72 21.82
N LYS H 112 33.28 24.33 20.72
CA LYS H 112 32.77 24.64 19.39
C LYS H 112 31.57 23.74 19.01
N LYS H 113 30.56 24.36 18.40
CA LYS H 113 29.39 23.65 17.90
C LYS H 113 29.76 22.89 16.62
N ALA H 114 29.17 21.71 16.43
CA ALA H 114 29.46 20.86 15.28
C ALA H 114 30.98 20.69 15.05
N ALA H 115 31.68 20.37 16.14
CA ALA H 115 33.12 20.26 16.10
C ALA H 115 33.58 19.04 15.32
N PHE H 116 32.83 17.95 15.39
CA PHE H 116 33.37 16.66 14.95
C PHE H 116 32.84 16.19 13.63
N SER H 117 33.77 15.85 12.74
CA SER H 117 33.45 15.41 11.39
C SER H 117 33.55 13.91 11.33
N LYS H 118 33.17 13.36 10.18
CA LYS H 118 33.24 11.91 9.99
C LYS H 118 34.69 11.45 10.07
N GLU H 119 35.63 12.34 9.71
CA GLU H 119 37.05 12.01 9.86
C GLU H 119 37.40 11.84 11.34
N ASP H 120 36.95 12.76 12.18
CA ASP H 120 37.14 12.59 13.62
C ASP H 120 36.60 11.24 14.07
N GLU H 121 35.35 10.96 13.68
CA GLU H 121 34.73 9.70 14.02
C GLU H 121 35.59 8.51 13.61
N ALA H 122 36.16 8.59 12.41
CA ALA H 122 36.97 7.52 11.87
C ALA H 122 38.22 7.29 12.71
N MET H 123 38.98 8.36 12.91
CA MET H 123 40.23 8.31 13.65
C MET H 123 39.96 7.80 15.05
N LEU H 124 38.94 8.36 15.68
CA LEU H 124 38.66 8.05 17.06
C LEU H 124 38.32 6.58 17.22
N SER H 125 37.60 6.03 16.26
CA SER H 125 37.26 4.63 16.32
C SER H 125 38.48 3.76 16.16
N SER H 126 39.36 4.12 15.23
CA SER H 126 40.59 3.38 15.07
C SER H 126 41.46 3.46 16.33
N ILE H 127 41.53 4.64 16.91
CA ILE H 127 42.36 4.80 18.08
C ILE H 127 41.79 3.99 19.23
N ALA H 128 40.46 3.97 19.32
CA ALA H 128 39.80 3.22 20.38
C ALA H 128 40.21 1.76 20.30
N ASP H 129 40.25 1.26 19.07
CA ASP H 129 40.62 -0.13 18.81
C ASP H 129 42.07 -0.41 19.14
N LEU H 130 42.97 0.46 18.71
CA LEU H 130 44.38 0.28 19.03
C LEU H 130 44.62 0.28 20.55
N MET H 131 43.79 1.06 21.26
CA MET H 131 44.02 1.28 22.68
C MET H 131 43.31 0.28 23.56
N ALA H 132 42.42 -0.49 22.95
CA ALA H 132 41.52 -1.38 23.67
C ALA H 132 42.15 -2.32 24.71
N PRO H 133 43.28 -2.99 24.38
CA PRO H 133 43.89 -3.89 25.36
C PRO H 133 44.42 -3.13 26.55
N LEU H 134 44.92 -1.94 26.26
CA LEU H 134 45.43 -1.11 27.30
C LEU H 134 44.28 -0.67 28.19
N VAL H 135 43.18 -0.23 27.59
CA VAL H 135 42.04 0.18 28.38
C VAL H 135 41.57 -0.98 29.25
N HIS H 136 41.55 -2.18 28.66
CA HIS H 136 41.07 -3.39 29.31
C HIS H 136 41.69 -3.66 30.69
N GLU H 137 42.90 -3.17 30.90
CA GLU H 137 43.56 -3.42 32.18
C GLU H 137 42.75 -2.89 33.35
N PHE H 138 41.90 -1.90 33.10
CA PHE H 138 41.10 -1.32 34.17
C PHE H 138 39.67 -1.84 34.18
N PHE H 139 39.37 -2.72 33.25
CA PHE H 139 38.01 -3.21 33.14
C PHE H 139 37.69 -4.15 34.28
N VAL H 140 36.44 -4.06 34.75
CA VAL H 140 35.87 -4.92 35.78
C VAL H 140 34.34 -5.06 35.58
N LYS H 141 33.79 -6.27 35.69
CA LYS H 141 32.33 -6.43 35.59
C LYS H 141 31.60 -6.62 36.94
#